data_7W2Z
#
_entry.id   7W2Z
#
_cell.length_a   1.00
_cell.length_b   1.00
_cell.length_c   1.00
_cell.angle_alpha   90.00
_cell.angle_beta   90.00
_cell.angle_gamma   90.00
#
_symmetry.space_group_name_H-M   'P 1'
#
loop_
_entity.id
_entity.type
_entity.pdbx_description
1 polymer 'Guanine nucleotide-binding protein G(o) subunit alpha'
2 polymer 'Growth hormone secretagogue receptor type 1'
3 polymer 'Guanine nucleotide-binding protein G(I)/G(S)/G(O) subunit gamma-2'
4 polymer ScFv16
5 polymer 'Guanine nucleotide-binding protein G(I)/G(S)/G(T) subunit beta-1'
6 polymer 'Appetite-regulating hormone'
7 non-polymer CHOLESTEROL
#
loop_
_entity_poly.entity_id
_entity_poly.type
_entity_poly.pdbx_seq_one_letter_code
_entity_poly.pdbx_strand_id
1 'polypeptide(L)'
;MTLSAEERAALERSKAIEKNLKEDGISAAKDVKLLLLGADNSGKSTIVKQMKIIHGGSGGSGGTTGIVETHFTFKNLHFR
LFDVGGQRSERKKWIHCFEDVTAIIFCVDLSDYDQVLHEDETTNRMHESLMLFDSICNNKFFIDTSIILFLNKKDLFGEK
IKKSPLTICFPEYTGPNTYEDAAAYIQAQFESKNRSPNKEIYCHMTCATDTNNAQVIFDAVTDIIIANNLRGCGLY
;
A
2 'polypeptide(L)'
;MWNATPSEEPGFNLTLADLDWDASPGNDSLGDELLQLFPAPLLAGVTATCVALFVVGIAGNLLTMLVVSRFRELRTTTNL
YLSSMAFSDLLIFLCMPLDLVRLWQYRPWNFGDLLCKLFQFVSESCTYATVLTITALSVERYFAICFPLRAKVVVTKGRV
KLVIFVIWAVAFCSAGPIFVLVGVEHENGTDPWDTNECRPTEFAVRSGLLTVMVWVSSIFFFLPVFCLTVLYSLIGRKLW
RRRRGDAVVGASLRDQNHKQTVKMLAVVVFAFILCWLPFHVGRYLFSKSFEPGSLEIAQISQYCNLVSFVLFYLSAAINP
ILYNIMSKKYRVAVFRLLGFEPFSQRKLSTLKDESSRAWTESSINT
;
R
3 'polypeptide(L)' MASNNTASIAQARKLVEQLKMEANIDRIKVSKAAADLMAYCEAHAKEDPLLTPVPASENPFREKKFFCAIL G
4 'polypeptide(L)'
;DVQLVESGGGLVQPGGSRKLSCSASGFAFSSFGMHWVRQAPEKGLEWVAYISSGSGTIYYADTVKGRFTISRDDPKNTLF
LQMTSLRSEDTAMYYCVRSIYYYGSSPFDFWGQGTTLTVSSGGGGSGGGGSGGGGSDIVMTQATSSVPVTPGESVSISCR
SSKSLLHSNGNTYLYWFLQRPGQSPQLLIYRMSNLASGVPDRFSGSGSGTAFTLTISRLEAEDVGVYYCMQHLEYPLTFG
AGTKLELKGS
;
S
5 'polypeptide(L)'
;SELDQLRQEAEQLKNQIRDARKACADATLSQITNNIDPVGRIQMRTRRTLRGHLAKIYAMHWGTDSRLLVSASQDGKLII
WDSYTTNKVHAIPLRSSWVMTCAYAPSGNYVACGGLDNICSIYNLKTREGNVRVSRELAGHTGYLSCCRFLDDNQIVTSS
GDTTCALWDIETGQQTTTFTGHTGDVMSLSLAPDTRLFVSGACDASAKLWDVREGMCRQTFTGHESDINAICFFPNGNAF
ATGSDDATCRLFDLRADQELMTYSHDNIICGITSVSFSKSGRLLLAGYDDFNCNVWDALKADRAGVLAGHDNRVSCLGVT
DDGMAVATGSWDSFLKIWN
;
B
6 'polypeptide(L)' GS(K4Q)FLSPEHQRVQQRK L
#
loop_
_chem_comp.id
_chem_comp.type
_chem_comp.name
_chem_comp.formula
CLR non-polymer CHOLESTEROL 'C27 H46 O'
K4Q non-polymer '[(2~{S})-2-azanyl-3-oxidanylidene-propyl] octanoate' 'C11 H21 N O3'
#
# COMPACT_ATOMS: atom_id res chain seq x y z
N THR A 2 -3.73 12.77 19.84
CA THR A 2 -2.82 12.00 20.66
C THR A 2 -2.59 12.64 22.02
N LEU A 3 -3.50 13.53 22.41
CA LEU A 3 -3.27 14.31 23.60
C LEU A 3 -3.56 13.52 24.87
N SER A 4 -4.58 12.66 24.83
CA SER A 4 -4.99 11.96 26.04
C SER A 4 -3.98 10.91 26.45
N ALA A 5 -4.12 10.43 27.69
CA ALA A 5 -3.24 9.38 28.18
C ALA A 5 -3.51 8.06 27.47
N GLU A 6 -4.77 7.83 27.10
CA GLU A 6 -5.16 6.65 26.35
C GLU A 6 -4.96 6.82 24.85
N GLU A 7 -4.98 8.05 24.35
CA GLU A 7 -4.68 8.28 22.94
C GLU A 7 -3.19 8.16 22.68
N ARG A 8 -2.36 8.30 23.72
CA ARG A 8 -0.93 8.10 23.58
C ARG A 8 -0.60 6.63 23.50
N ALA A 9 -1.26 5.81 24.31
CA ALA A 9 -0.99 4.39 24.35
C ALA A 9 -1.58 3.66 23.14
N ALA A 10 -2.64 4.23 22.56
CA ALA A 10 -3.20 3.70 21.33
C ALA A 10 -2.27 4.00 20.15
N LEU A 11 -1.63 5.16 20.15
CA LEU A 11 -0.69 5.49 19.08
C LEU A 11 0.60 4.70 19.22
N GLU A 12 0.95 4.32 20.44
CA GLU A 12 2.10 3.46 20.64
C GLU A 12 1.84 2.05 20.14
N ARG A 13 0.57 1.61 20.21
CA ARG A 13 0.20 0.31 19.66
C ARG A 13 0.18 0.33 18.14
N SER A 14 -0.24 1.45 17.55
CA SER A 14 -0.27 1.59 16.11
C SER A 14 1.13 1.52 15.52
N LYS A 15 2.11 2.11 16.20
CA LYS A 15 3.48 2.12 15.70
C LYS A 15 4.13 0.75 15.84
N ALA A 16 3.71 -0.02 16.84
CA ALA A 16 4.21 -1.38 17.00
C ALA A 16 3.68 -2.30 15.91
N ILE A 17 2.50 -1.97 15.38
CA ILE A 17 1.92 -2.75 14.29
C ILE A 17 2.64 -2.43 12.98
N GLU A 18 2.98 -1.16 12.75
CA GLU A 18 3.64 -0.76 11.52
C GLU A 18 5.05 -1.32 11.43
N LYS A 19 5.71 -1.51 12.56
CA LYS A 19 7.05 -2.09 12.54
C LYS A 19 6.99 -3.57 12.18
N ASN A 20 6.01 -4.27 12.73
CA ASN A 20 5.85 -5.69 12.45
C ASN A 20 5.33 -5.92 11.04
N LEU A 21 4.66 -4.92 10.45
CA LEU A 21 4.24 -5.01 9.06
C LEU A 21 5.42 -4.90 8.11
N LYS A 22 6.39 -4.04 8.42
CA LYS A 22 7.58 -3.86 7.62
C LYS A 22 8.53 -5.05 7.74
N GLU A 23 8.62 -5.64 8.93
CA GLU A 23 9.47 -6.82 9.12
C GLU A 23 8.92 -8.03 8.39
N ASP A 24 7.63 -8.02 8.06
CA ASP A 24 7.05 -9.08 7.24
C ASP A 24 7.22 -8.78 5.75
N GLY A 25 7.19 -7.50 5.38
CA GLY A 25 7.35 -7.16 3.97
C GLY A 25 8.79 -7.33 3.49
N ILE A 26 9.74 -7.28 4.41
CA ILE A 26 11.14 -7.51 4.08
C ILE A 26 11.40 -9.00 3.89
N SER A 27 10.79 -9.83 4.73
CA SER A 27 11.00 -11.28 4.65
C SER A 27 10.32 -11.88 3.43
N ALA A 28 9.27 -11.24 2.93
CA ALA A 28 8.50 -11.81 1.83
C ALA A 28 8.98 -11.30 0.48
N ALA A 29 9.72 -10.18 0.46
CA ALA A 29 10.18 -9.63 -0.80
C ALA A 29 11.36 -10.41 -1.36
N LYS A 30 12.02 -11.21 -0.52
CA LYS A 30 13.11 -12.08 -0.97
C LYS A 30 12.57 -13.46 -1.30
N ASP A 31 11.51 -13.48 -2.11
CA ASP A 31 10.84 -14.70 -2.50
C ASP A 31 10.57 -14.65 -3.99
N VAL A 32 10.72 -15.79 -4.65
CA VAL A 32 10.38 -15.93 -6.05
C VAL A 32 9.05 -16.66 -6.14
N LYS A 33 8.05 -16.02 -6.73
CA LYS A 33 6.72 -16.59 -6.89
C LYS A 33 6.54 -17.03 -8.33
N LEU A 34 6.17 -18.29 -8.51
CA LEU A 34 6.07 -18.91 -9.82
C LEU A 34 4.68 -19.51 -9.97
N LEU A 35 3.99 -19.19 -11.06
CA LEU A 35 2.63 -19.64 -11.28
C LEU A 35 2.65 -20.84 -12.24
N LEU A 36 2.20 -21.98 -11.74
CA LEU A 36 2.10 -23.20 -12.53
C LEU A 36 0.82 -23.22 -13.34
N LEU A 37 0.93 -23.22 -14.66
CA LEU A 37 -0.22 -23.24 -15.55
C LEU A 37 -0.03 -24.35 -16.58
N GLY A 38 -0.30 -25.58 -16.19
CA GLY A 38 -0.26 -26.68 -17.13
C GLY A 38 -1.68 -26.89 -17.68
N ALA A 39 -1.88 -27.91 -18.51
CA ALA A 39 -3.23 -28.16 -19.01
C ALA A 39 -3.68 -29.55 -18.60
N ASP A 40 -4.82 -29.63 -17.91
CA ASP A 40 -5.40 -30.89 -17.42
C ASP A 40 -4.32 -31.60 -16.62
N ASN A 41 -4.08 -32.87 -16.91
CA ASN A 41 -3.00 -33.57 -16.23
C ASN A 41 -1.87 -33.66 -17.25
N SER A 42 -0.81 -32.91 -16.99
CA SER A 42 0.34 -32.88 -17.88
C SER A 42 1.48 -33.43 -17.09
N GLY A 43 2.12 -32.55 -16.34
CA GLY A 43 3.21 -32.95 -15.49
C GLY A 43 3.34 -31.97 -14.35
N LYS A 44 2.48 -30.94 -14.38
CA LYS A 44 2.49 -29.90 -13.35
C LYS A 44 2.52 -30.33 -11.88
N SER A 45 1.75 -31.35 -11.51
CA SER A 45 1.75 -31.77 -10.12
C SER A 45 2.92 -32.70 -9.80
N THR A 46 3.77 -33.01 -10.78
CA THR A 46 4.83 -33.97 -10.60
C THR A 46 6.21 -33.36 -10.78
N ILE A 47 6.28 -32.15 -11.31
CA ILE A 47 7.57 -31.50 -11.51
C ILE A 47 8.05 -30.85 -10.22
N VAL A 48 7.23 -30.89 -9.19
CA VAL A 48 7.59 -30.30 -7.91
C VAL A 48 8.43 -31.30 -7.12
N LYS A 49 9.72 -31.34 -7.47
CA LYS A 49 10.71 -32.22 -6.86
C LYS A 49 10.59 -32.30 -5.35
N GLN A 50 10.63 -31.15 -4.69
CA GLN A 50 10.47 -31.11 -3.25
C GLN A 50 9.05 -30.74 -2.91
N MET A 51 8.41 -31.59 -2.11
CA MET A 51 7.01 -31.42 -1.70
C MET A 51 6.97 -30.80 -0.32
N LYS A 52 6.70 -29.50 -0.27
CA LYS A 52 6.39 -28.82 0.98
C LYS A 52 5.15 -27.98 0.74
N ILE A 53 3.98 -28.59 0.96
CA ILE A 53 2.74 -27.98 0.53
C ILE A 53 2.28 -26.97 1.57
N ILE A 54 1.87 -25.79 1.10
CA ILE A 54 1.37 -24.65 1.87
C ILE A 54 2.41 -24.17 2.87
N THR A 65 -11.40 -27.16 -3.36
CA THR A 65 -10.00 -27.51 -3.20
C THR A 65 -9.09 -26.27 -3.25
N GLY A 66 -9.54 -25.22 -3.93
CA GLY A 66 -8.88 -23.94 -3.83
C GLY A 66 -7.59 -23.87 -4.62
N ILE A 67 -6.59 -23.26 -4.02
CA ILE A 67 -5.28 -23.06 -4.62
C ILE A 67 -4.26 -23.83 -3.79
N VAL A 68 -3.31 -24.48 -4.46
CA VAL A 68 -2.26 -25.26 -3.82
C VAL A 68 -0.95 -24.50 -3.96
N GLU A 69 -0.22 -24.34 -2.87
CA GLU A 69 1.10 -23.75 -2.89
C GLU A 69 2.11 -24.76 -2.38
N THR A 70 3.10 -25.06 -3.21
CA THR A 70 4.27 -25.82 -2.79
C THR A 70 5.46 -24.89 -2.82
N HIS A 71 6.41 -25.10 -1.92
CA HIS A 71 7.59 -24.26 -1.84
C HIS A 71 8.81 -25.11 -1.58
N PHE A 72 9.96 -24.68 -2.09
CA PHE A 72 11.24 -25.29 -1.77
C PHE A 72 12.30 -24.20 -1.81
N THR A 73 13.49 -24.52 -1.28
CA THR A 73 14.62 -23.62 -1.35
C THR A 73 15.75 -24.26 -2.13
N PHE A 74 16.50 -23.44 -2.86
CA PHE A 74 17.57 -23.91 -3.74
C PHE A 74 18.59 -22.79 -3.87
N LYS A 75 19.80 -23.03 -3.37
CA LYS A 75 20.95 -22.11 -3.40
C LYS A 75 20.61 -20.77 -2.74
N ASN A 76 20.08 -20.88 -1.51
CA ASN A 76 19.69 -19.76 -0.65
C ASN A 76 18.67 -18.85 -1.34
N LEU A 77 17.84 -19.44 -2.18
CA LEU A 77 16.77 -18.75 -2.89
C LEU A 77 15.51 -19.57 -2.69
N HIS A 78 14.43 -18.91 -2.28
CA HIS A 78 13.22 -19.56 -1.81
C HIS A 78 12.13 -19.40 -2.85
N PHE A 79 11.67 -20.52 -3.40
CA PHE A 79 10.71 -20.52 -4.50
C PHE A 79 9.34 -20.88 -3.96
N ARG A 80 8.30 -20.27 -4.54
CA ARG A 80 6.92 -20.55 -4.18
C ARG A 80 6.11 -20.82 -5.45
N LEU A 81 5.49 -22.00 -5.52
CA LEU A 81 4.82 -22.45 -6.73
C LEU A 81 3.32 -22.58 -6.48
N PHE A 82 2.52 -21.85 -7.26
CA PHE A 82 1.07 -21.73 -7.05
C PHE A 82 0.32 -22.44 -8.17
N ASP A 83 -0.11 -23.67 -7.91
CA ASP A 83 -1.00 -24.34 -8.85
C ASP A 83 -2.44 -23.86 -8.68
N VAL A 84 -3.10 -23.57 -9.80
CA VAL A 84 -4.49 -23.13 -9.78
C VAL A 84 -5.35 -24.03 -10.67
N GLY A 85 -4.98 -25.31 -10.77
CA GLY A 85 -5.73 -26.20 -11.62
C GLY A 85 -7.11 -26.54 -11.07
N GLY A 86 -7.25 -26.53 -9.74
CA GLY A 86 -8.53 -26.81 -9.10
C GLY A 86 -9.52 -25.67 -9.19
N GLN A 87 -9.09 -24.51 -9.66
CA GLN A 87 -9.97 -23.35 -9.86
C GLN A 87 -10.61 -23.46 -11.24
N ARG A 88 -11.74 -24.17 -11.31
CA ARG A 88 -12.37 -24.47 -12.60
C ARG A 88 -13.34 -23.37 -13.07
N SER A 89 -13.25 -22.20 -12.45
CA SER A 89 -14.12 -21.07 -12.72
C SER A 89 -13.69 -20.38 -14.03
N GLU A 90 -14.29 -19.23 -14.30
CA GLU A 90 -13.82 -18.38 -15.39
C GLU A 90 -12.45 -17.83 -15.05
N ARG A 91 -11.49 -18.10 -15.94
CA ARG A 91 -10.08 -17.81 -15.66
C ARG A 91 -9.82 -16.32 -15.63
N LYS A 92 -10.63 -15.54 -16.35
CA LYS A 92 -10.44 -14.11 -16.50
C LYS A 92 -10.56 -13.36 -15.18
N LYS A 93 -11.29 -13.94 -14.23
CA LYS A 93 -11.66 -13.19 -13.04
C LYS A 93 -10.57 -13.21 -11.98
N TRP A 94 -9.89 -14.33 -11.80
CA TRP A 94 -8.84 -14.43 -10.79
C TRP A 94 -7.44 -14.40 -11.37
N ILE A 95 -7.27 -13.99 -12.62
CA ILE A 95 -5.93 -14.07 -13.23
C ILE A 95 -5.12 -12.84 -12.89
N HIS A 96 -5.77 -11.78 -12.42
CA HIS A 96 -5.02 -10.58 -12.08
C HIS A 96 -4.39 -10.68 -10.70
N CYS A 97 -4.73 -11.73 -9.94
CA CYS A 97 -4.13 -11.96 -8.65
C CYS A 97 -2.65 -12.31 -8.80
N PHE A 98 -2.28 -12.91 -9.91
CA PHE A 98 -0.92 -13.34 -10.20
C PHE A 98 -0.23 -12.45 -11.20
N GLU A 99 -0.57 -11.16 -11.21
CA GLU A 99 0.06 -10.22 -12.13
C GLU A 99 1.52 -9.99 -11.79
N ASP A 100 1.87 -10.15 -10.51
CA ASP A 100 3.19 -9.79 -10.00
C ASP A 100 4.09 -10.99 -9.77
N VAL A 101 3.86 -12.11 -10.44
CA VAL A 101 4.77 -13.25 -10.30
C VAL A 101 6.00 -13.04 -11.17
N THR A 102 7.07 -13.76 -10.85
CA THR A 102 8.32 -13.63 -11.60
C THR A 102 8.22 -14.29 -12.97
N ALA A 103 7.69 -15.51 -13.02
CA ALA A 103 7.62 -16.28 -14.23
C ALA A 103 6.35 -17.13 -14.20
N ILE A 104 5.98 -17.64 -15.35
CA ILE A 104 4.95 -18.65 -15.48
C ILE A 104 5.65 -19.94 -15.88
N ILE A 105 5.35 -21.04 -15.20
CA ILE A 105 5.89 -22.33 -15.56
C ILE A 105 4.78 -23.11 -16.24
N PHE A 106 4.95 -23.40 -17.52
CA PHE A 106 3.94 -24.07 -18.33
C PHE A 106 4.41 -25.49 -18.62
N CYS A 107 3.59 -26.46 -18.28
CA CYS A 107 3.94 -27.85 -18.56
C CYS A 107 3.06 -28.42 -19.66
N VAL A 108 3.70 -29.15 -20.58
CA VAL A 108 3.02 -29.78 -21.70
C VAL A 108 3.39 -31.25 -21.69
N ASP A 109 2.40 -32.12 -21.84
CA ASP A 109 2.62 -33.55 -21.94
C ASP A 109 2.67 -33.91 -23.42
N LEU A 110 3.81 -34.40 -23.87
CA LEU A 110 3.99 -34.69 -25.29
C LEU A 110 3.40 -36.03 -25.72
N SER A 111 3.00 -36.88 -24.77
CA SER A 111 2.56 -38.23 -25.14
C SER A 111 1.20 -38.21 -25.83
N ASN A 124 -4.40 -35.85 -27.57
CA ASN A 124 -5.76 -35.39 -27.35
C ASN A 124 -5.78 -33.99 -26.76
N ARG A 125 -4.90 -33.74 -25.79
CA ARG A 125 -4.80 -32.46 -25.12
C ARG A 125 -3.76 -31.54 -25.75
N MET A 126 -3.40 -31.76 -27.01
CA MET A 126 -2.35 -30.95 -27.62
C MET A 126 -2.87 -29.59 -28.07
N HIS A 127 -3.95 -29.57 -28.86
CA HIS A 127 -4.46 -28.31 -29.37
C HIS A 127 -5.23 -27.56 -28.28
N GLU A 128 -5.67 -28.26 -27.24
CA GLU A 128 -6.21 -27.57 -26.07
C GLU A 128 -5.10 -26.83 -25.33
N SER A 129 -3.92 -27.45 -25.23
CA SER A 129 -2.79 -26.82 -24.54
C SER A 129 -2.27 -25.62 -25.32
N LEU A 130 -2.36 -25.66 -26.64
CA LEU A 130 -1.92 -24.54 -27.46
C LEU A 130 -2.87 -23.36 -27.31
N MET A 131 -4.18 -23.63 -27.29
CA MET A 131 -5.16 -22.55 -27.18
C MET A 131 -5.17 -21.96 -25.79
N LEU A 132 -4.76 -22.75 -24.79
CA LEU A 132 -4.54 -22.21 -23.45
C LEU A 132 -3.31 -21.31 -23.45
N PHE A 133 -2.24 -21.76 -24.10
CA PHE A 133 -0.99 -21.02 -24.17
C PHE A 133 -1.14 -19.73 -24.95
N ASP A 134 -2.05 -19.71 -25.92
CA ASP A 134 -2.33 -18.47 -26.64
C ASP A 134 -3.07 -17.48 -25.74
N SER A 135 -3.93 -17.98 -24.85
CA SER A 135 -4.65 -17.10 -23.94
C SER A 135 -3.74 -16.53 -22.86
N ILE A 136 -2.81 -17.35 -22.37
CA ILE A 136 -1.96 -16.92 -21.26
C ILE A 136 -0.86 -15.98 -21.74
N CYS A 137 -0.22 -16.31 -22.86
CA CYS A 137 0.91 -15.52 -23.35
C CYS A 137 0.47 -14.14 -23.85
N ASN A 138 -0.74 -14.00 -24.39
CA ASN A 138 -1.23 -12.74 -24.91
C ASN A 138 -2.17 -12.03 -23.94
N ASN A 139 -2.10 -12.37 -22.66
CA ASN A 139 -2.96 -11.76 -21.66
C ASN A 139 -2.51 -10.33 -21.39
N LYS A 140 -3.46 -9.48 -21.00
CA LYS A 140 -3.12 -8.08 -20.80
C LYS A 140 -2.43 -7.85 -19.45
N PHE A 141 -2.47 -8.84 -18.56
CA PHE A 141 -1.71 -8.75 -17.32
C PHE A 141 -0.36 -9.42 -17.45
N PHE A 142 -0.17 -10.27 -18.45
CA PHE A 142 1.02 -11.09 -18.58
C PHE A 142 1.90 -10.66 -19.75
N ILE A 143 1.78 -9.41 -20.18
CA ILE A 143 2.86 -8.78 -20.93
C ILE A 143 3.87 -8.29 -19.90
N ASP A 144 5.16 -8.49 -20.21
CA ASP A 144 6.39 -8.41 -19.38
C ASP A 144 6.63 -9.65 -18.52
N THR A 145 5.76 -10.66 -18.52
CA THR A 145 5.96 -11.83 -17.68
C THR A 145 6.42 -12.99 -18.55
N SER A 146 7.67 -13.40 -18.37
CA SER A 146 8.25 -14.43 -19.18
C SER A 146 7.79 -15.81 -18.72
N ILE A 147 7.97 -16.79 -19.60
CA ILE A 147 7.37 -18.11 -19.46
C ILE A 147 8.47 -19.15 -19.52
N ILE A 148 8.45 -20.12 -18.62
CA ILE A 148 9.31 -21.30 -18.68
C ILE A 148 8.43 -22.43 -19.19
N LEU A 149 8.76 -22.98 -20.35
CA LEU A 149 7.94 -24.01 -20.99
C LEU A 149 8.60 -25.37 -20.81
N PHE A 150 8.06 -26.19 -19.91
CA PHE A 150 8.54 -27.56 -19.83
C PHE A 150 7.74 -28.44 -20.78
N LEU A 151 8.39 -29.48 -21.29
CA LEU A 151 7.73 -30.41 -22.20
C LEU A 151 7.99 -31.82 -21.65
N ASN A 152 7.06 -32.32 -20.86
CA ASN A 152 7.29 -33.52 -20.06
C ASN A 152 7.11 -34.79 -20.89
N LYS A 153 7.55 -35.90 -20.30
CA LYS A 153 7.34 -37.26 -20.79
C LYS A 153 7.90 -37.46 -22.20
N LYS A 154 9.16 -37.07 -22.39
CA LYS A 154 9.81 -37.34 -23.67
C LYS A 154 10.29 -38.78 -23.75
N ASP A 155 10.29 -39.50 -22.62
CA ASP A 155 10.53 -40.93 -22.62
C ASP A 155 9.31 -41.72 -23.10
N LEU A 156 8.12 -41.13 -23.10
CA LEU A 156 6.95 -41.76 -23.70
C LEU A 156 6.63 -41.20 -25.07
N PHE A 157 7.16 -40.03 -25.40
CA PHE A 157 7.02 -39.48 -26.73
C PHE A 157 7.95 -40.19 -27.71
N GLY A 158 9.01 -40.79 -27.20
CA GLY A 158 10.06 -41.31 -28.08
C GLY A 158 9.69 -42.57 -28.82
N GLU A 159 8.81 -43.38 -28.26
CA GLU A 159 8.44 -44.64 -28.90
C GLU A 159 7.07 -44.63 -29.55
N LYS A 160 6.15 -43.81 -29.05
CA LYS A 160 4.84 -43.77 -29.68
C LYS A 160 4.84 -42.92 -30.94
N ILE A 161 5.91 -42.17 -31.20
CA ILE A 161 6.07 -41.52 -32.50
C ILE A 161 6.42 -42.55 -33.57
N LYS A 162 6.94 -43.72 -33.18
CA LYS A 162 7.22 -44.78 -34.12
C LYS A 162 5.94 -45.47 -34.56
N LYS A 163 4.95 -45.50 -33.66
CA LYS A 163 3.66 -46.11 -33.97
C LYS A 163 2.62 -45.10 -34.43
N SER A 164 2.63 -43.90 -33.86
CA SER A 164 1.60 -42.91 -34.14
C SER A 164 2.28 -41.61 -34.57
N PRO A 165 2.28 -41.29 -35.87
CA PRO A 165 3.06 -40.14 -36.35
C PRO A 165 2.43 -38.81 -35.96
N LEU A 166 3.17 -37.73 -36.17
CA LEU A 166 2.69 -36.41 -35.80
C LEU A 166 1.70 -35.83 -36.79
N THR A 167 1.45 -36.52 -37.91
CA THR A 167 0.41 -36.07 -38.83
C THR A 167 -0.99 -36.41 -38.32
N ILE A 168 -1.11 -37.21 -37.26
CA ILE A 168 -2.41 -37.47 -36.65
C ILE A 168 -2.99 -36.20 -36.03
N CYS A 169 -2.17 -35.49 -35.25
CA CYS A 169 -2.64 -34.29 -34.56
C CYS A 169 -2.24 -33.02 -35.30
N PHE A 170 -0.98 -32.92 -35.75
CA PHE A 170 -0.54 -31.80 -36.58
C PHE A 170 -0.49 -32.22 -38.06
N PRO A 171 -1.54 -31.97 -38.84
CA PRO A 171 -1.58 -32.52 -40.20
C PRO A 171 -0.65 -31.81 -41.17
N GLU A 172 -0.19 -30.62 -40.83
CA GLU A 172 0.70 -29.86 -41.68
C GLU A 172 2.16 -30.15 -41.41
N TYR A 173 2.44 -31.22 -40.66
CA TYR A 173 3.82 -31.63 -40.44
C TYR A 173 4.37 -32.27 -41.70
N THR A 174 5.52 -31.76 -42.15
CA THR A 174 6.15 -32.22 -43.38
C THR A 174 7.53 -32.80 -43.12
N GLY A 175 7.76 -33.29 -41.91
CA GLY A 175 9.05 -33.85 -41.56
C GLY A 175 9.09 -35.35 -41.67
N PRO A 176 10.26 -35.95 -41.42
CA PRO A 176 10.44 -37.38 -41.63
C PRO A 176 9.95 -38.27 -40.50
N ASN A 177 9.20 -37.72 -39.55
CA ASN A 177 8.73 -38.40 -38.33
C ASN A 177 9.92 -38.94 -37.52
N THR A 178 10.79 -38.01 -37.14
CA THR A 178 11.97 -38.30 -36.33
C THR A 178 11.79 -37.59 -35.00
N TYR A 179 12.19 -38.26 -33.91
CA TYR A 179 12.02 -37.69 -32.57
C TYR A 179 12.86 -36.43 -32.39
N GLU A 180 13.96 -36.33 -33.14
CA GLU A 180 14.86 -35.18 -33.02
C GLU A 180 14.22 -33.90 -33.52
N ASP A 181 13.33 -34.00 -34.51
CA ASP A 181 12.71 -32.81 -35.07
C ASP A 181 11.19 -32.77 -34.96
N ALA A 182 10.53 -33.88 -34.61
CA ALA A 182 9.12 -33.77 -34.23
C ALA A 182 8.97 -33.05 -32.91
N ALA A 183 9.88 -33.33 -31.97
CA ALA A 183 9.89 -32.60 -30.70
C ALA A 183 10.32 -31.16 -30.90
N ALA A 184 11.13 -30.89 -31.92
CA ALA A 184 11.59 -29.53 -32.17
C ALA A 184 10.59 -28.75 -33.02
N TYR A 185 9.67 -29.45 -33.69
CA TYR A 185 8.62 -28.77 -34.44
C TYR A 185 7.49 -28.33 -33.50
N ILE A 186 7.15 -29.20 -32.54
CA ILE A 186 6.11 -28.89 -31.55
C ILE A 186 6.53 -27.70 -30.70
N GLN A 187 7.82 -27.62 -30.37
CA GLN A 187 8.37 -26.49 -29.63
C GLN A 187 8.25 -25.19 -30.41
N ALA A 188 8.27 -25.27 -31.74
CA ALA A 188 8.10 -24.07 -32.54
C ALA A 188 6.63 -23.65 -32.60
N GLN A 189 5.71 -24.59 -32.43
CA GLN A 189 4.28 -24.26 -32.44
C GLN A 189 3.89 -23.49 -31.20
N PHE A 190 4.58 -23.73 -30.08
CA PHE A 190 4.32 -22.98 -28.87
C PHE A 190 4.98 -21.62 -28.89
N GLU A 191 6.23 -21.55 -29.35
CA GLU A 191 6.93 -20.27 -29.39
C GLU A 191 6.45 -19.34 -30.48
N SER A 192 5.62 -19.81 -31.41
CA SER A 192 5.02 -18.94 -32.42
C SER A 192 3.81 -18.19 -31.91
N LYS A 193 3.39 -18.44 -30.67
CA LYS A 193 2.28 -17.74 -30.05
C LYS A 193 2.71 -16.51 -29.28
N ASN A 194 4.02 -16.20 -29.26
CA ASN A 194 4.56 -15.23 -28.31
C ASN A 194 4.10 -13.81 -28.62
N ARG A 195 4.48 -13.30 -29.80
CA ARG A 195 3.97 -12.03 -30.36
C ARG A 195 4.26 -10.83 -29.46
N SER A 196 5.38 -10.88 -28.75
CA SER A 196 5.81 -9.84 -27.82
C SER A 196 7.31 -9.97 -27.55
N PRO A 197 8.09 -8.91 -27.71
CA PRO A 197 9.55 -9.02 -27.53
C PRO A 197 9.99 -8.82 -26.09
N ASN A 198 9.10 -8.25 -25.28
CA ASN A 198 9.41 -7.94 -23.90
C ASN A 198 9.41 -9.17 -22.99
N LYS A 199 9.02 -10.33 -23.52
CA LYS A 199 9.00 -11.57 -22.77
C LYS A 199 9.71 -12.66 -23.56
N GLU A 200 10.46 -13.48 -22.85
CA GLU A 200 11.21 -14.61 -23.38
C GLU A 200 10.52 -15.91 -22.99
N ILE A 201 10.58 -16.89 -23.88
CA ILE A 201 10.08 -18.23 -23.58
C ILE A 201 11.29 -19.16 -23.45
N TYR A 202 11.61 -19.54 -22.23
CA TYR A 202 12.65 -20.54 -22.01
C TYR A 202 12.01 -21.90 -22.21
N CYS A 203 12.79 -22.90 -22.56
CA CYS A 203 12.17 -24.17 -22.90
C CYS A 203 13.13 -25.29 -22.55
N HIS A 204 12.56 -26.41 -22.10
CA HIS A 204 13.38 -27.50 -21.59
C HIS A 204 12.55 -28.77 -21.62
N MET A 205 13.02 -29.78 -22.37
CA MET A 205 12.31 -31.03 -22.50
C MET A 205 12.67 -31.95 -21.33
N THR A 206 11.76 -32.05 -20.38
CA THR A 206 11.95 -32.89 -19.20
C THR A 206 11.72 -34.35 -19.57
N CYS A 207 12.54 -35.23 -19.01
CA CYS A 207 12.40 -36.66 -19.25
C CYS A 207 11.44 -37.32 -18.27
N ALA A 208 11.00 -36.60 -17.23
CA ALA A 208 10.12 -37.00 -16.12
C ALA A 208 10.76 -38.08 -15.23
N THR A 209 12.07 -38.22 -15.26
CA THR A 209 12.83 -39.05 -14.33
C THR A 209 14.08 -38.30 -13.89
N ASP A 210 14.02 -36.98 -13.92
CA ASP A 210 15.19 -36.12 -13.87
C ASP A 210 15.19 -35.33 -12.56
N THR A 211 16.33 -35.31 -11.89
CA THR A 211 16.51 -34.43 -10.73
C THR A 211 17.29 -33.20 -11.17
N ASN A 212 16.69 -32.47 -12.11
CA ASN A 212 17.32 -31.35 -12.78
C ASN A 212 16.40 -30.16 -12.94
N ASN A 213 15.13 -30.27 -12.58
CA ASN A 213 14.19 -29.19 -12.81
C ASN A 213 14.37 -28.07 -11.81
N ALA A 214 15.01 -28.35 -10.68
CA ALA A 214 15.31 -27.29 -9.73
C ALA A 214 16.38 -26.35 -10.27
N GLN A 215 17.36 -26.90 -10.99
CA GLN A 215 18.42 -26.09 -11.57
C GLN A 215 17.96 -25.35 -12.81
N VAL A 216 17.13 -25.98 -13.64
CA VAL A 216 16.66 -25.37 -14.89
C VAL A 216 15.74 -24.19 -14.59
N ILE A 217 14.92 -24.30 -13.54
CA ILE A 217 14.17 -23.15 -13.06
C ILE A 217 15.11 -22.09 -12.49
N PHE A 218 16.15 -22.53 -11.77
CA PHE A 218 17.08 -21.60 -11.13
C PHE A 218 17.92 -20.84 -12.14
N ASP A 219 18.37 -21.51 -13.21
CA ASP A 219 19.11 -20.80 -14.26
C ASP A 219 18.21 -19.84 -15.03
N ALA A 220 16.94 -20.18 -15.16
CA ALA A 220 16.04 -19.35 -15.95
C ALA A 220 15.51 -18.17 -15.14
N VAL A 221 15.38 -18.34 -13.81
CA VAL A 221 14.93 -17.23 -12.97
C VAL A 221 16.01 -16.18 -12.83
N THR A 222 17.28 -16.59 -12.84
CA THR A 222 18.40 -15.67 -12.82
C THR A 222 18.44 -14.78 -14.05
N ASP A 223 18.11 -15.34 -15.22
CA ASP A 223 18.08 -14.56 -16.45
C ASP A 223 16.90 -13.60 -16.47
N ILE A 224 15.83 -13.91 -15.74
CA ILE A 224 14.71 -12.98 -15.62
C ILE A 224 15.08 -11.83 -14.71
N ILE A 225 15.80 -12.11 -13.62
CA ILE A 225 16.17 -11.10 -12.63
C ILE A 225 17.20 -10.13 -13.19
N ILE A 226 18.16 -10.63 -13.98
CA ILE A 226 19.12 -9.77 -14.66
C ILE A 226 18.40 -8.85 -15.64
N ALA A 227 17.49 -9.41 -16.44
CA ALA A 227 16.78 -8.61 -17.43
C ALA A 227 15.74 -7.70 -16.78
N ASN A 228 15.28 -8.05 -15.57
CA ASN A 228 14.46 -7.12 -14.81
C ASN A 228 15.30 -5.97 -14.28
N ASN A 229 16.55 -6.24 -13.93
CA ASN A 229 17.45 -5.23 -13.38
C ASN A 229 17.96 -4.30 -14.47
N LEU A 230 18.14 -4.82 -15.68
CA LEU A 230 18.46 -3.96 -16.83
C LEU A 230 17.32 -3.00 -17.12
N ARG A 231 16.09 -3.41 -16.85
CA ARG A 231 14.95 -2.53 -17.05
C ARG A 231 14.81 -1.53 -15.91
N GLY A 232 15.18 -1.92 -14.70
CA GLY A 232 15.10 -1.01 -13.56
C GLY A 232 16.22 0.01 -13.49
N CYS A 233 17.36 -0.29 -14.10
CA CYS A 233 18.49 0.65 -14.16
C CYS A 233 18.46 1.51 -15.41
N GLY A 234 17.32 1.56 -16.12
CA GLY A 234 17.18 2.37 -17.32
C GLY A 234 18.12 2.01 -18.44
N LEU A 235 18.52 0.75 -18.52
CA LEU A 235 19.64 0.30 -19.35
C LEU A 235 19.13 -0.82 -20.24
N TYR A 236 18.54 -0.45 -21.38
CA TYR A 236 17.56 -1.26 -22.10
C TYR A 236 16.44 -1.68 -21.14
N LEU B 35 35.95 43.52 -27.05
CA LEU B 35 35.91 42.14 -27.57
C LEU B 35 37.32 41.64 -27.91
N GLN B 36 38.24 41.81 -26.95
CA GLN B 36 39.63 41.40 -27.16
C GLN B 36 39.82 39.90 -26.99
N LEU B 37 38.86 39.23 -26.37
CA LEU B 37 39.01 37.83 -25.98
C LEU B 37 38.94 36.88 -27.18
N PHE B 38 37.80 36.86 -27.87
CA PHE B 38 37.62 36.10 -29.12
C PHE B 38 37.09 37.07 -30.17
N PRO B 39 37.15 36.72 -31.46
CA PRO B 39 36.52 37.56 -32.50
C PRO B 39 35.02 37.72 -32.31
N ALA B 40 34.50 38.78 -32.94
CA ALA B 40 33.16 39.28 -32.60
C ALA B 40 32.01 38.35 -32.97
N PRO B 41 31.97 37.67 -34.14
CA PRO B 41 30.89 36.69 -34.33
C PRO B 41 31.06 35.40 -33.55
N LEU B 42 32.26 35.09 -33.05
CA LEU B 42 32.47 33.79 -32.43
C LEU B 42 31.88 33.75 -31.03
N LEU B 43 31.82 34.90 -30.35
CA LEU B 43 31.11 34.95 -29.08
C LEU B 43 29.61 34.81 -29.31
N ALA B 44 29.11 35.26 -30.46
CA ALA B 44 27.69 35.23 -30.73
C ALA B 44 27.20 33.81 -30.99
N GLY B 45 28.07 32.97 -31.55
CA GLY B 45 27.66 31.60 -31.82
C GLY B 45 27.60 30.73 -30.58
N VAL B 46 28.40 31.07 -29.56
CA VAL B 46 28.35 30.32 -28.32
C VAL B 46 27.13 30.74 -27.49
N THR B 47 26.76 32.02 -27.58
CA THR B 47 25.60 32.49 -26.82
C THR B 47 24.30 31.99 -27.45
N ALA B 48 24.32 31.71 -28.75
CA ALA B 48 23.16 31.10 -29.39
C ALA B 48 23.00 29.64 -28.96
N THR B 49 24.09 28.87 -28.97
CA THR B 49 23.98 27.43 -28.71
C THR B 49 23.92 27.14 -27.22
N CYS B 50 24.14 28.13 -26.37
CA CYS B 50 24.03 27.90 -24.94
C CYS B 50 22.64 28.22 -24.44
N VAL B 51 21.90 29.04 -25.18
CA VAL B 51 20.46 29.22 -24.95
C VAL B 51 19.72 27.94 -25.30
N ALA B 52 20.11 27.29 -26.41
CA ALA B 52 19.47 26.04 -26.78
C ALA B 52 19.84 24.91 -25.82
N LEU B 53 21.00 25.00 -25.19
CA LEU B 53 21.34 24.05 -24.14
C LEU B 53 20.71 24.47 -22.81
N PHE B 54 20.27 25.72 -22.72
CA PHE B 54 19.61 26.19 -21.50
C PHE B 54 18.17 25.67 -21.41
N VAL B 55 17.35 25.97 -22.43
CA VAL B 55 15.93 25.61 -22.38
C VAL B 55 15.67 24.14 -22.60
N VAL B 56 16.68 23.37 -23.01
CA VAL B 56 16.60 21.92 -23.07
C VAL B 56 17.21 21.28 -21.84
N GLY B 57 18.25 21.90 -21.29
CA GLY B 57 18.86 21.38 -20.08
C GLY B 57 18.00 21.56 -18.85
N ILE B 58 17.27 22.68 -18.77
CA ILE B 58 16.38 22.85 -17.62
C ILE B 58 15.03 22.18 -17.86
N ALA B 59 14.73 21.77 -19.09
CA ALA B 59 13.49 21.05 -19.34
C ALA B 59 13.57 19.63 -18.80
N GLY B 60 14.54 18.86 -19.30
CA GLY B 60 14.74 17.50 -18.86
C GLY B 60 15.21 17.33 -17.43
N ASN B 61 15.67 18.41 -16.80
CA ASN B 61 16.08 18.35 -15.41
C ASN B 61 14.95 18.69 -14.46
N LEU B 62 14.07 19.61 -14.84
CA LEU B 62 12.85 19.83 -14.07
C LEU B 62 11.94 18.63 -14.16
N LEU B 63 11.93 17.98 -15.32
CA LEU B 63 11.03 16.85 -15.56
C LEU B 63 11.41 15.64 -14.73
N THR B 64 12.68 15.47 -14.41
CA THR B 64 13.10 14.32 -13.61
C THR B 64 12.75 14.53 -12.14
N MET B 65 12.78 15.77 -11.67
CA MET B 65 12.45 16.04 -10.28
C MET B 65 10.95 16.05 -10.06
N LEU B 66 10.19 16.41 -11.09
CA LEU B 66 8.73 16.39 -10.99
C LEU B 66 8.20 14.97 -10.98
N VAL B 67 8.79 14.09 -11.79
CA VAL B 67 8.27 12.75 -12.00
C VAL B 67 8.55 11.87 -10.78
N VAL B 68 9.77 11.95 -10.24
CA VAL B 68 10.13 11.14 -9.08
C VAL B 68 9.38 11.62 -7.83
N SER B 69 9.01 12.89 -7.79
CA SER B 69 8.29 13.41 -6.63
C SER B 69 6.83 12.98 -6.65
N ARG B 70 6.17 13.03 -7.81
CA ARG B 70 4.73 12.77 -7.83
C ARG B 70 4.41 11.29 -7.79
N PHE B 71 5.09 10.48 -8.59
CA PHE B 71 4.83 9.05 -8.64
C PHE B 71 5.72 8.32 -7.66
N ARG B 72 5.11 7.72 -6.64
CA ARG B 72 5.87 7.07 -5.59
C ARG B 72 6.42 5.74 -6.05
N GLU B 73 5.91 5.24 -7.16
CA GLU B 73 6.39 3.97 -7.70
C GLU B 73 7.73 4.15 -8.41
N LEU B 74 8.03 5.36 -8.87
CA LEU B 74 9.29 5.61 -9.56
C LEU B 74 10.41 6.01 -8.61
N ARG B 75 10.16 6.01 -7.31
CA ARG B 75 11.22 6.35 -6.38
C ARG B 75 12.12 5.17 -6.08
N THR B 76 12.80 4.66 -7.09
CA THR B 76 13.79 3.60 -6.91
C THR B 76 15.09 4.20 -6.37
N THR B 77 16.10 3.35 -6.19
CA THR B 77 17.40 3.89 -5.81
C THR B 77 18.05 4.62 -6.97
N THR B 78 17.84 4.12 -8.19
CA THR B 78 18.47 4.71 -9.36
C THR B 78 17.89 6.08 -9.66
N ASN B 79 16.60 6.28 -9.39
CA ASN B 79 15.99 7.57 -9.66
C ASN B 79 16.29 8.56 -8.56
N LEU B 80 16.70 8.07 -7.39
CA LEU B 80 17.13 8.99 -6.33
C LEU B 80 18.51 9.56 -6.62
N TYR B 81 19.38 8.77 -7.27
CA TYR B 81 20.64 9.30 -7.76
C TYR B 81 20.44 10.24 -8.94
N LEU B 82 19.44 9.96 -9.77
CA LEU B 82 19.21 10.78 -10.94
C LEU B 82 18.49 12.07 -10.61
N SER B 83 17.79 12.12 -9.47
CA SER B 83 17.12 13.35 -9.11
C SER B 83 18.08 14.33 -8.43
N SER B 84 19.06 13.80 -7.69
CA SER B 84 20.12 14.66 -7.16
C SER B 84 21.10 15.06 -8.26
N MET B 85 21.29 14.21 -9.26
CA MET B 85 22.06 14.61 -10.45
C MET B 85 21.27 15.58 -11.30
N ALA B 86 19.94 15.58 -11.18
CA ALA B 86 19.15 16.58 -11.88
C ALA B 86 19.15 17.89 -11.13
N PHE B 87 19.59 17.87 -9.88
CA PHE B 87 19.74 19.11 -9.12
C PHE B 87 21.05 19.81 -9.49
N SER B 88 22.12 19.04 -9.65
CA SER B 88 23.41 19.60 -10.06
C SER B 88 23.34 20.18 -11.46
N ASP B 89 22.61 19.54 -12.37
CA ASP B 89 22.49 20.06 -13.72
C ASP B 89 21.44 21.16 -13.78
N LEU B 90 20.72 21.39 -12.70
CA LEU B 90 19.87 22.57 -12.64
C LEU B 90 20.63 23.77 -12.08
N LEU B 91 21.52 23.52 -11.11
CA LEU B 91 22.27 24.61 -10.50
C LEU B 91 23.38 25.10 -11.41
N ILE B 92 23.96 24.19 -12.20
CA ILE B 92 24.97 24.56 -13.19
C ILE B 92 24.39 25.47 -14.24
N PHE B 93 23.14 25.25 -14.62
CA PHE B 93 22.53 26.10 -15.64
C PHE B 93 22.04 27.42 -15.06
N LEU B 94 21.90 27.51 -13.74
CA LEU B 94 21.59 28.81 -13.15
C LEU B 94 22.82 29.70 -13.09
N CYS B 95 24.01 29.10 -13.03
CA CYS B 95 25.25 29.87 -13.05
C CYS B 95 25.70 30.21 -14.46
N MET B 96 25.01 29.73 -15.47
CA MET B 96 25.33 29.99 -16.87
C MET B 96 25.07 31.41 -17.38
N PRO B 97 24.10 32.23 -16.84
CA PRO B 97 24.08 33.66 -17.19
C PRO B 97 25.35 34.42 -16.85
N LEU B 98 25.94 34.12 -15.70
CA LEU B 98 27.13 34.83 -15.25
C LEU B 98 28.35 34.46 -16.06
N ASP B 99 28.37 33.26 -16.63
CA ASP B 99 29.52 32.86 -17.42
C ASP B 99 29.58 33.60 -18.74
N LEU B 100 28.42 33.91 -19.32
CA LEU B 100 28.40 34.58 -20.62
C LEU B 100 28.72 36.06 -20.50
N VAL B 101 28.36 36.68 -19.37
CA VAL B 101 28.76 38.08 -19.17
C VAL B 101 30.24 38.16 -18.80
N ARG B 102 30.81 37.06 -18.31
CA ARG B 102 32.25 37.02 -18.12
C ARG B 102 32.96 36.67 -19.42
N LEU B 103 32.32 35.85 -20.26
CA LEU B 103 32.93 35.48 -21.54
C LEU B 103 32.87 36.62 -22.53
N TRP B 104 31.79 37.39 -22.52
CA TRP B 104 31.73 38.52 -23.44
C TRP B 104 32.49 39.73 -22.90
N GLN B 105 32.62 39.84 -21.56
CA GLN B 105 33.35 40.92 -20.89
C GLN B 105 34.19 40.35 -19.74
N TYR B 106 35.48 40.09 -19.99
CA TYR B 106 36.35 39.70 -18.89
C TYR B 106 36.90 40.92 -18.17
N ARG B 107 36.70 42.07 -18.82
CA ARG B 107 37.15 43.36 -18.31
C ARG B 107 36.15 43.86 -17.29
N PRO B 108 36.46 44.99 -16.68
CA PRO B 108 35.69 45.57 -15.59
C PRO B 108 35.13 44.57 -14.57
N TRP B 109 34.07 43.82 -14.87
CA TRP B 109 33.40 42.93 -13.91
C TRP B 109 33.09 43.67 -12.62
N ASN B 110 32.20 44.64 -12.68
CA ASN B 110 31.85 45.36 -11.46
C ASN B 110 30.62 44.81 -10.77
N PHE B 111 30.20 43.59 -11.11
CA PHE B 111 28.97 43.03 -10.57
C PHE B 111 29.05 42.78 -9.07
N GLY B 112 30.01 41.99 -8.64
CA GLY B 112 30.15 41.74 -7.22
C GLY B 112 31.53 41.24 -6.87
N ASP B 113 32.14 41.85 -5.86
CA ASP B 113 33.46 41.43 -5.43
C ASP B 113 33.37 40.11 -4.66
N LEU B 114 32.20 39.85 -4.05
CA LEU B 114 31.98 38.59 -3.37
C LEU B 114 31.02 37.70 -4.16
N LEU B 115 30.37 38.26 -5.18
CA LEU B 115 29.46 37.45 -5.99
C LEU B 115 30.21 36.42 -6.81
N CYS B 116 31.36 36.79 -7.37
CA CYS B 116 32.00 35.90 -8.33
C CYS B 116 32.78 34.80 -7.62
N LYS B 117 32.79 34.85 -6.30
CA LYS B 117 33.40 33.76 -5.57
C LYS B 117 32.32 32.67 -5.54
N LEU B 118 31.07 33.12 -5.34
CA LEU B 118 29.91 32.22 -5.24
C LEU B 118 29.53 31.50 -6.52
N PHE B 119 29.53 32.19 -7.66
CA PHE B 119 29.21 31.51 -8.91
C PHE B 119 30.26 30.45 -9.23
N GLN B 120 31.53 30.75 -8.95
CA GLN B 120 32.62 29.81 -9.17
C GLN B 120 32.57 28.69 -8.13
N PHE B 121 32.02 28.96 -6.96
CA PHE B 121 31.90 27.91 -5.95
C PHE B 121 30.76 26.97 -6.28
N VAL B 122 29.61 27.53 -6.68
CA VAL B 122 28.40 26.72 -6.85
C VAL B 122 28.50 25.83 -8.07
N SER B 123 29.03 26.36 -9.18
CA SER B 123 29.20 25.52 -10.37
C SER B 123 30.25 24.45 -10.13
N GLU B 124 31.39 24.81 -9.55
CA GLU B 124 32.49 23.86 -9.39
C GLU B 124 32.21 22.84 -8.29
N SER B 125 31.36 23.18 -7.34
CA SER B 125 30.91 22.16 -6.38
C SER B 125 29.89 21.24 -7.01
N CYS B 126 29.19 21.70 -8.04
CA CYS B 126 28.17 20.87 -8.67
C CYS B 126 28.78 19.86 -9.61
N THR B 127 29.90 20.20 -10.27
CA THR B 127 30.56 19.22 -11.13
C THR B 127 31.16 18.09 -10.31
N TYR B 128 31.57 18.37 -9.09
CA TYR B 128 32.09 17.30 -8.27
C TYR B 128 30.94 16.34 -8.00
N ALA B 129 29.80 16.89 -7.59
CA ALA B 129 28.66 16.04 -7.30
C ALA B 129 28.17 15.29 -8.53
N THR B 130 28.12 15.95 -9.69
CA THR B 130 27.69 15.30 -10.92
C THR B 130 28.65 14.17 -11.27
N VAL B 131 29.95 14.43 -11.13
CA VAL B 131 30.92 13.42 -11.52
C VAL B 131 30.85 12.25 -10.56
N LEU B 132 30.62 12.52 -9.29
CA LEU B 132 30.61 11.46 -8.30
C LEU B 132 29.27 10.74 -8.25
N THR B 133 28.22 11.34 -8.83
CA THR B 133 26.95 10.62 -8.99
C THR B 133 27.04 9.62 -10.13
N ILE B 134 27.71 10.00 -11.21
CA ILE B 134 27.98 9.10 -12.34
C ILE B 134 28.85 7.93 -11.91
N THR B 135 29.73 8.15 -10.95
CA THR B 135 30.46 7.04 -10.35
C THR B 135 29.57 6.23 -9.40
N ALA B 136 28.54 6.87 -8.83
CA ALA B 136 27.65 6.16 -7.92
C ALA B 136 26.68 5.27 -8.68
N LEU B 137 26.20 5.73 -9.84
CA LEU B 137 25.35 4.90 -10.68
C LEU B 137 26.11 3.75 -11.31
N SER B 138 27.40 3.93 -11.56
CA SER B 138 28.18 2.88 -12.17
C SER B 138 28.44 1.73 -11.19
N VAL B 139 28.48 2.03 -9.90
CA VAL B 139 28.69 0.97 -8.91
C VAL B 139 27.40 0.22 -8.66
N GLU B 140 26.26 0.92 -8.66
CA GLU B 140 25.01 0.26 -8.31
C GLU B 140 24.46 -0.57 -9.47
N ARG B 141 24.75 -0.19 -10.71
CA ARG B 141 24.29 -1.00 -11.84
C ARG B 141 25.33 -2.03 -12.20
N TYR B 142 26.44 -2.02 -11.48
CA TYR B 142 27.35 -3.16 -11.49
C TYR B 142 26.79 -4.29 -10.64
N PHE B 143 26.31 -3.97 -9.43
CA PHE B 143 25.81 -5.01 -8.53
C PHE B 143 24.44 -5.52 -8.96
N ALA B 144 23.68 -4.69 -9.67
CA ALA B 144 22.36 -5.12 -10.14
C ALA B 144 22.48 -6.16 -11.25
N ILE B 145 23.57 -6.11 -12.01
CA ILE B 145 23.73 -6.96 -13.19
C ILE B 145 24.78 -8.04 -13.00
N CYS B 146 25.92 -7.73 -12.36
CA CYS B 146 26.97 -8.74 -12.27
C CYS B 146 26.80 -9.65 -11.06
N PHE B 147 26.11 -9.21 -10.00
CA PHE B 147 25.75 -10.06 -8.87
C PHE B 147 24.26 -9.85 -8.56
N PRO B 148 23.36 -10.39 -9.38
CA PRO B 148 21.95 -9.95 -9.32
C PRO B 148 21.18 -10.48 -8.14
N LEU B 149 21.65 -11.55 -7.49
CA LEU B 149 20.96 -12.20 -6.40
C LEU B 149 21.53 -11.80 -5.04
N ARG B 150 22.42 -10.81 -5.02
CA ARG B 150 23.17 -10.40 -3.85
C ARG B 150 22.28 -9.71 -2.82
N ALA B 151 22.67 -9.83 -1.55
CA ALA B 151 21.85 -9.32 -0.46
C ALA B 151 22.02 -7.82 -0.24
N LYS B 152 23.14 -7.25 -0.73
CA LYS B 152 23.45 -5.82 -0.62
C LYS B 152 23.55 -5.37 0.85
N VAL B 153 24.60 -5.82 1.54
CA VAL B 153 24.70 -5.63 2.98
C VAL B 153 25.23 -4.23 3.33
N VAL B 154 26.08 -3.65 2.47
CA VAL B 154 26.75 -2.41 2.85
C VAL B 154 25.84 -1.20 2.64
N VAL B 155 25.41 -0.95 1.41
CA VAL B 155 24.64 0.25 1.11
C VAL B 155 23.21 -0.16 0.79
N THR B 156 22.35 -0.16 1.81
CA THR B 156 20.95 -0.53 1.62
C THR B 156 20.20 0.67 1.05
N LYS B 157 18.92 0.49 0.71
CA LYS B 157 18.11 1.58 0.18
C LYS B 157 17.91 2.69 1.21
N GLY B 158 17.85 2.33 2.49
CA GLY B 158 17.79 3.34 3.52
C GLY B 158 19.08 4.12 3.69
N ARG B 159 20.22 3.51 3.38
CA ARG B 159 21.50 4.18 3.44
C ARG B 159 21.92 4.75 2.10
N VAL B 160 21.03 4.77 1.12
CA VAL B 160 21.31 5.43 -0.15
C VAL B 160 21.17 6.94 0.00
N LYS B 161 20.20 7.35 0.82
CA LYS B 161 19.96 8.76 1.09
C LYS B 161 21.18 9.36 1.80
N LEU B 162 21.87 8.56 2.61
CA LEU B 162 23.08 9.00 3.28
C LEU B 162 24.26 9.05 2.33
N VAL B 163 24.24 8.25 1.25
CA VAL B 163 25.32 8.30 0.25
C VAL B 163 25.29 9.63 -0.50
N ILE B 164 24.08 10.14 -0.78
CA ILE B 164 23.93 11.40 -1.50
C ILE B 164 24.44 12.57 -0.66
N PHE B 165 24.43 12.42 0.66
CA PHE B 165 24.92 13.49 1.53
C PHE B 165 26.43 13.43 1.68
N VAL B 166 27.02 12.25 1.56
CA VAL B 166 28.49 12.14 1.55
C VAL B 166 29.04 12.72 0.25
N ILE B 167 28.33 12.52 -0.86
CA ILE B 167 28.75 13.04 -2.15
C ILE B 167 28.71 14.56 -2.15
N TRP B 168 27.66 15.15 -1.58
CA TRP B 168 27.56 16.60 -1.53
C TRP B 168 28.45 17.20 -0.44
N ALA B 169 28.90 16.38 0.51
CA ALA B 169 29.90 16.85 1.45
C ALA B 169 31.24 17.01 0.78
N VAL B 170 31.70 15.98 0.06
CA VAL B 170 32.96 16.04 -0.68
C VAL B 170 32.85 17.04 -1.84
N ALA B 171 31.64 17.26 -2.35
CA ALA B 171 31.46 18.26 -3.40
C ALA B 171 31.68 19.68 -2.88
N PHE B 172 31.34 19.92 -1.60
CA PHE B 172 31.38 21.28 -1.08
C PHE B 172 32.72 21.56 -0.39
N CYS B 173 33.37 20.54 0.14
CA CYS B 173 34.67 20.77 0.78
C CYS B 173 35.78 20.84 -0.28
N SER B 174 35.70 20.02 -1.32
CA SER B 174 36.78 20.00 -2.30
C SER B 174 36.71 21.20 -3.24
N ALA B 175 35.53 21.79 -3.38
CA ALA B 175 35.40 23.08 -4.03
C ALA B 175 35.52 24.24 -3.07
N GLY B 176 35.71 23.94 -1.79
CA GLY B 176 35.95 24.92 -0.75
C GLY B 176 37.10 25.88 -0.99
N PRO B 177 38.31 25.38 -1.33
CA PRO B 177 39.44 26.27 -1.66
C PRO B 177 39.29 27.24 -2.83
N ILE B 178 38.14 27.27 -3.50
CA ILE B 178 37.84 28.31 -4.48
C ILE B 178 37.80 29.69 -3.82
N PHE B 179 37.34 29.76 -2.56
CA PHE B 179 37.18 31.04 -1.88
C PHE B 179 38.52 31.71 -1.57
N VAL B 180 39.52 30.92 -1.17
CA VAL B 180 40.86 31.45 -0.98
C VAL B 180 41.50 31.80 -2.32
N LEU B 181 41.21 31.01 -3.35
CA LEU B 181 41.92 31.08 -4.63
C LEU B 181 41.47 32.26 -5.48
N VAL B 182 40.18 32.38 -5.78
CA VAL B 182 39.71 33.27 -6.85
C VAL B 182 39.02 34.46 -6.21
N GLY B 183 39.18 35.62 -6.83
CA GLY B 183 38.50 36.82 -6.36
C GLY B 183 38.83 37.99 -7.24
N VAL B 184 37.96 39.01 -7.18
CA VAL B 184 38.11 40.21 -7.98
C VAL B 184 39.42 40.93 -7.64
N GLU B 185 40.12 41.38 -8.68
CA GLU B 185 41.48 41.87 -8.60
C GLU B 185 41.62 43.05 -9.55
N HIS B 186 42.14 44.17 -9.06
CA HIS B 186 42.36 45.33 -9.88
C HIS B 186 43.83 45.51 -10.21
N GLU B 187 44.12 46.35 -11.19
CA GLU B 187 45.51 46.59 -11.60
C GLU B 187 46.21 47.50 -10.61
N ASN B 188 47.41 47.10 -10.19
CA ASN B 188 48.14 47.89 -9.20
C ASN B 188 48.34 49.34 -9.61
N GLY B 189 47.84 50.27 -8.79
CA GLY B 189 48.04 51.68 -9.07
C GLY B 189 47.08 52.33 -10.05
N THR B 190 46.06 51.60 -10.48
CA THR B 190 45.07 52.17 -11.39
C THR B 190 43.74 52.38 -10.69
N ASP B 191 42.82 53.11 -11.33
CA ASP B 191 41.52 53.35 -10.74
C ASP B 191 40.63 52.14 -11.04
N PRO B 192 40.14 51.43 -10.02
CA PRO B 192 39.52 50.11 -10.25
C PRO B 192 38.09 50.15 -10.75
N TRP B 193 37.59 51.29 -11.23
CA TRP B 193 36.19 51.34 -11.66
C TRP B 193 35.97 50.64 -12.99
N ASP B 194 37.03 50.52 -13.80
CA ASP B 194 36.93 49.90 -15.12
C ASP B 194 38.03 48.87 -15.36
N THR B 195 38.64 48.33 -14.30
CA THR B 195 39.88 47.57 -14.45
C THR B 195 39.89 46.27 -13.64
N ASN B 196 38.83 45.96 -12.89
CA ASN B 196 38.84 44.74 -12.07
C ASN B 196 38.74 43.51 -12.97
N GLU B 197 38.99 42.35 -12.39
CA GLU B 197 38.96 41.06 -13.07
C GLU B 197 38.63 39.97 -12.09
N CYS B 198 37.57 39.20 -12.33
CA CYS B 198 37.31 38.02 -11.50
C CYS B 198 38.26 36.93 -11.97
N ARG B 199 39.46 36.95 -11.43
CA ARG B 199 40.56 36.13 -11.87
C ARG B 199 41.11 35.39 -10.66
N PRO B 200 41.96 34.39 -10.82
CA PRO B 200 42.73 33.93 -9.65
C PRO B 200 43.75 34.98 -9.27
N THR B 201 43.62 35.49 -8.05
CA THR B 201 44.38 36.66 -7.62
C THR B 201 45.85 36.32 -7.42
N GLU B 202 46.67 37.38 -7.26
CA GLU B 202 48.12 37.29 -7.42
C GLU B 202 48.77 36.43 -6.34
N PHE B 203 48.13 36.31 -5.18
CA PHE B 203 48.67 35.47 -4.11
C PHE B 203 48.61 34.01 -4.50
N ALA B 204 47.60 33.63 -5.29
CA ALA B 204 47.42 32.23 -5.64
C ALA B 204 48.36 31.79 -6.75
N VAL B 205 48.67 32.68 -7.69
CA VAL B 205 49.61 32.31 -8.73
C VAL B 205 51.05 32.36 -8.22
N ARG B 206 51.30 33.17 -7.19
CA ARG B 206 52.63 33.28 -6.61
C ARG B 206 52.98 32.05 -5.79
N SER B 207 52.06 31.66 -4.89
CA SER B 207 52.33 30.59 -3.95
C SER B 207 52.41 29.22 -4.63
N GLY B 208 51.73 29.07 -5.76
CA GLY B 208 51.58 27.76 -6.38
C GLY B 208 50.34 27.05 -5.92
N LEU B 209 49.44 27.73 -5.22
CA LEU B 209 48.23 27.12 -4.69
C LEU B 209 47.27 26.76 -5.81
N LEU B 210 47.38 27.45 -6.94
CA LEU B 210 46.54 27.15 -8.09
C LEU B 210 46.89 25.79 -8.69
N THR B 211 48.17 25.56 -8.98
CA THR B 211 48.55 24.33 -9.66
C THR B 211 48.47 23.12 -8.73
N VAL B 212 48.14 23.38 -7.48
CA VAL B 212 47.88 22.29 -6.57
C VAL B 212 46.42 21.94 -6.83
N MET B 213 45.59 22.97 -6.98
CA MET B 213 44.16 22.80 -7.20
C MET B 213 43.86 22.02 -8.48
N VAL B 214 44.60 22.26 -9.55
CA VAL B 214 44.35 21.49 -10.76
C VAL B 214 44.67 20.02 -10.52
N TRP B 215 45.73 19.72 -9.77
CA TRP B 215 46.06 18.33 -9.51
C TRP B 215 45.05 17.65 -8.61
N VAL B 216 44.30 18.44 -7.85
CA VAL B 216 43.26 17.87 -7.00
C VAL B 216 41.93 17.82 -7.75
N SER B 217 41.74 18.72 -8.71
CA SER B 217 40.54 18.67 -9.54
C SER B 217 40.64 17.55 -10.59
N SER B 218 41.84 17.02 -10.80
CA SER B 218 42.04 16.01 -11.84
C SER B 218 41.64 14.62 -11.35
N ILE B 219 41.63 14.42 -10.02
CA ILE B 219 41.20 13.13 -9.50
C ILE B 219 39.68 13.01 -9.50
N PHE B 220 38.99 14.07 -9.91
CA PHE B 220 37.58 13.96 -10.25
C PHE B 220 37.41 13.62 -11.73
N PHE B 221 38.51 13.38 -12.43
CA PHE B 221 38.41 12.82 -13.77
C PHE B 221 39.04 11.43 -13.83
N PHE B 222 40.18 11.25 -13.17
CA PHE B 222 40.88 9.98 -13.28
C PHE B 222 40.22 8.89 -12.46
N LEU B 223 39.63 9.24 -11.34
CA LEU B 223 39.05 8.21 -10.49
C LEU B 223 37.66 7.77 -10.96
N PRO B 224 36.79 8.62 -11.51
CA PRO B 224 35.60 8.07 -12.19
C PRO B 224 35.89 7.30 -13.46
N VAL B 225 36.91 7.66 -14.24
CA VAL B 225 37.16 6.95 -15.50
C VAL B 225 37.79 5.59 -15.21
N PHE B 226 38.42 5.43 -14.05
CA PHE B 226 38.88 4.14 -13.60
C PHE B 226 37.79 3.28 -12.99
N CYS B 227 36.55 3.80 -12.89
CA CYS B 227 35.41 2.98 -12.52
C CYS B 227 34.44 2.85 -13.69
N LEU B 228 34.19 3.94 -14.43
CA LEU B 228 33.29 3.85 -15.58
C LEU B 228 33.85 2.95 -16.68
N THR B 229 35.17 2.95 -16.90
CA THR B 229 35.70 2.11 -17.96
C THR B 229 36.09 0.73 -17.46
N VAL B 230 36.18 0.55 -16.14
CA VAL B 230 36.48 -0.77 -15.60
C VAL B 230 35.18 -1.54 -15.33
N LEU B 231 34.21 -0.90 -14.67
CA LEU B 231 32.98 -1.60 -14.30
C LEU B 231 32.09 -1.84 -15.51
N TYR B 232 32.08 -0.93 -16.47
CA TYR B 232 31.21 -1.12 -17.63
C TYR B 232 31.85 -2.04 -18.66
N SER B 233 33.15 -2.25 -18.58
CA SER B 233 33.76 -3.27 -19.43
C SER B 233 33.65 -4.65 -18.79
N LEU B 234 33.32 -4.70 -17.49
CA LEU B 234 33.03 -5.99 -16.86
C LEU B 234 31.55 -6.34 -16.98
N ILE B 235 30.68 -5.34 -17.04
CA ILE B 235 29.26 -5.59 -17.26
C ILE B 235 29.04 -6.13 -18.66
N GLY B 236 29.70 -5.55 -19.67
CA GLY B 236 29.59 -6.07 -21.02
C GLY B 236 30.29 -7.39 -21.22
N ARG B 237 31.14 -7.78 -20.28
CA ARG B 237 31.73 -9.12 -20.32
C ARG B 237 30.71 -10.17 -19.91
N LYS B 238 29.76 -9.80 -19.06
CA LYS B 238 28.70 -10.71 -18.67
C LYS B 238 27.61 -10.76 -19.73
N LEU B 239 27.23 -9.61 -20.27
CA LEU B 239 26.07 -9.54 -21.15
C LEU B 239 26.39 -10.08 -22.53
N TRP B 240 27.66 -10.05 -22.94
CA TRP B 240 28.02 -10.63 -24.23
C TRP B 240 28.20 -12.14 -24.11
N ARG B 241 28.35 -12.63 -22.88
CA ARG B 241 28.37 -14.06 -22.60
C ARG B 241 26.98 -14.71 -22.68
N ARG B 242 25.95 -13.96 -23.08
CA ARG B 242 24.57 -14.41 -22.91
C ARG B 242 24.19 -15.52 -23.88
N ARG B 243 24.03 -15.20 -25.17
CA ARG B 243 23.49 -16.20 -26.09
C ARG B 243 24.55 -17.21 -26.50
N ARG B 244 25.82 -16.92 -26.23
CA ARG B 244 26.82 -17.98 -26.26
C ARG B 244 26.62 -18.94 -25.11
N GLY B 245 26.27 -18.43 -23.93
CA GLY B 245 26.07 -19.27 -22.76
C GLY B 245 24.62 -19.66 -22.53
N SER B 252 18.61 -14.85 -31.13
CA SER B 252 18.13 -13.90 -32.12
C SER B 252 17.85 -12.53 -31.49
N LEU B 253 16.64 -12.36 -30.97
CA LEU B 253 16.26 -11.05 -30.43
C LEU B 253 16.90 -10.82 -29.07
N ARG B 254 17.29 -11.91 -28.38
CA ARG B 254 18.06 -11.78 -27.14
C ARG B 254 19.45 -11.21 -27.40
N ASP B 255 20.03 -11.53 -28.57
CA ASP B 255 21.25 -10.86 -29.00
C ASP B 255 21.01 -9.38 -29.28
N GLN B 256 19.86 -9.04 -29.84
CA GLN B 256 19.58 -7.67 -30.24
C GLN B 256 19.38 -6.77 -29.01
N ASN B 257 18.91 -7.36 -27.91
CA ASN B 257 18.69 -6.56 -26.70
C ASN B 257 19.97 -6.32 -25.93
N HIS B 258 20.94 -7.25 -26.03
CA HIS B 258 22.23 -7.01 -25.40
C HIS B 258 23.16 -6.26 -26.34
N LYS B 259 22.75 -6.09 -27.60
CA LYS B 259 23.51 -5.23 -28.49
C LYS B 259 23.12 -3.76 -28.33
N GLN B 260 21.85 -3.49 -27.99
CA GLN B 260 21.49 -2.12 -27.65
C GLN B 260 21.91 -1.78 -26.23
N THR B 261 22.25 -2.77 -25.42
CA THR B 261 22.70 -2.46 -24.06
C THR B 261 24.13 -1.95 -24.06
N VAL B 262 25.03 -2.67 -24.75
CA VAL B 262 26.42 -2.24 -24.81
C VAL B 262 26.57 -1.02 -25.72
N LYS B 263 25.60 -0.81 -26.62
CA LYS B 263 25.52 0.46 -27.34
C LYS B 263 25.23 1.62 -26.39
N MET B 264 24.51 1.36 -25.30
CA MET B 264 24.28 2.40 -24.30
C MET B 264 25.41 2.44 -23.27
N LEU B 265 26.10 1.32 -23.07
CA LEU B 265 27.28 1.34 -22.20
C LEU B 265 28.45 2.06 -22.88
N ALA B 266 28.47 2.08 -24.21
CA ALA B 266 29.55 2.76 -24.91
C ALA B 266 29.29 4.26 -25.06
N VAL B 267 28.02 4.66 -25.04
CA VAL B 267 27.70 6.08 -25.18
C VAL B 267 28.05 6.82 -23.90
N VAL B 268 27.66 6.28 -22.74
CA VAL B 268 27.84 7.00 -21.48
C VAL B 268 29.28 6.92 -20.99
N VAL B 269 30.08 6.03 -21.58
CA VAL B 269 31.51 6.04 -21.31
C VAL B 269 32.22 7.05 -22.21
N PHE B 270 31.85 7.09 -23.49
CA PHE B 270 32.50 8.01 -24.41
C PHE B 270 32.06 9.45 -24.19
N ALA B 271 30.82 9.65 -23.72
CA ALA B 271 30.36 11.02 -23.47
C ALA B 271 30.94 11.56 -22.17
N PHE B 272 31.46 10.69 -21.31
CA PHE B 272 32.26 11.17 -20.19
C PHE B 272 33.66 11.56 -20.65
N ILE B 273 34.20 10.88 -21.66
CA ILE B 273 35.52 11.20 -22.18
C ILE B 273 35.45 12.47 -23.02
N LEU B 274 34.39 12.62 -23.81
CA LEU B 274 34.23 13.73 -24.73
C LEU B 274 34.08 15.07 -24.02
N CYS B 275 33.44 15.06 -22.85
CA CYS B 275 33.15 16.32 -22.18
C CYS B 275 34.21 16.69 -21.15
N TRP B 276 34.90 15.69 -20.59
CA TRP B 276 35.75 15.99 -19.45
C TRP B 276 37.23 15.93 -19.79
N LEU B 277 37.58 15.48 -20.99
CA LEU B 277 38.98 15.62 -21.42
C LEU B 277 39.29 17.00 -22.00
N PRO B 278 38.39 17.68 -22.71
CA PRO B 278 38.60 19.13 -22.90
C PRO B 278 38.59 19.95 -21.63
N PHE B 279 37.93 19.47 -20.57
CA PHE B 279 37.85 20.21 -19.33
C PHE B 279 39.19 20.23 -18.60
N HIS B 280 39.70 19.06 -18.25
CA HIS B 280 40.86 18.98 -17.38
C HIS B 280 42.17 19.23 -18.09
N VAL B 281 42.20 19.20 -19.41
CA VAL B 281 43.38 19.63 -20.15
C VAL B 281 43.17 21.13 -20.41
N GLY B 282 41.92 21.58 -20.30
CA GLY B 282 41.66 23.00 -20.42
C GLY B 282 42.20 23.82 -19.26
N ARG B 283 41.99 23.33 -18.03
CA ARG B 283 42.42 24.10 -16.87
C ARG B 283 43.84 23.74 -16.45
N TYR B 284 44.44 22.75 -17.11
CA TYR B 284 45.87 22.51 -16.89
C TYR B 284 46.71 23.49 -17.69
N LEU B 285 46.28 23.81 -18.92
CA LEU B 285 46.96 24.84 -19.69
C LEU B 285 46.74 26.22 -19.10
N PHE B 286 45.68 26.41 -18.32
CA PHE B 286 45.45 27.65 -17.61
C PHE B 286 46.47 27.84 -16.49
N SER B 287 46.78 26.77 -15.77
CA SER B 287 47.74 26.87 -14.67
C SER B 287 49.16 27.02 -15.18
N LYS B 288 49.50 26.33 -16.28
CA LYS B 288 50.85 26.39 -16.81
C LYS B 288 51.08 27.68 -17.60
N SER B 289 50.01 28.45 -17.86
CA SER B 289 50.17 29.68 -18.63
C SER B 289 50.86 30.77 -17.82
N PHE B 290 50.87 30.64 -16.50
CA PHE B 290 51.53 31.62 -15.65
C PHE B 290 52.98 31.25 -15.34
N GLU B 291 53.49 30.17 -15.94
CA GLU B 291 54.90 29.82 -15.84
C GLU B 291 55.73 30.82 -16.63
N PRO B 292 56.90 31.24 -16.10
CA PRO B 292 57.65 32.37 -16.69
C PRO B 292 58.16 32.17 -18.12
N GLY B 293 57.79 33.09 -19.00
CA GLY B 293 58.28 33.10 -20.37
C GLY B 293 57.60 32.12 -21.29
N SER B 294 56.27 31.97 -21.17
CA SER B 294 55.51 31.00 -21.95
C SER B 294 54.35 31.72 -22.64
N LEU B 295 54.41 31.81 -23.97
CA LEU B 295 53.30 32.32 -24.76
C LEU B 295 52.69 31.27 -25.67
N GLU B 296 53.47 30.26 -26.09
CA GLU B 296 52.97 29.22 -26.98
C GLU B 296 51.97 28.30 -26.29
N ILE B 297 52.01 28.22 -24.97
CA ILE B 297 51.03 27.45 -24.21
C ILE B 297 49.89 28.34 -23.71
N ALA B 298 50.03 29.66 -23.86
CA ALA B 298 49.00 30.56 -23.39
C ALA B 298 47.81 30.63 -24.34
N GLN B 299 48.06 30.74 -25.65
CA GLN B 299 46.97 30.95 -26.59
C GLN B 299 46.22 29.64 -26.86
N ILE B 300 46.88 28.51 -26.63
CA ILE B 300 46.19 27.22 -26.69
C ILE B 300 45.18 27.11 -25.55
N SER B 301 45.46 27.79 -24.43
CA SER B 301 44.52 27.80 -23.31
C SER B 301 43.35 28.73 -23.57
N GLN B 302 43.42 29.56 -24.60
CA GLN B 302 42.30 30.42 -24.93
C GLN B 302 41.24 29.64 -25.65
N TYR B 303 41.65 28.64 -26.43
CA TYR B 303 40.74 27.95 -27.32
C TYR B 303 40.37 26.56 -26.81
N CYS B 304 41.25 25.94 -26.03
CA CYS B 304 40.88 24.69 -25.37
C CYS B 304 39.88 24.95 -24.27
N ASN B 305 39.92 26.13 -23.66
CA ASN B 305 38.97 26.47 -22.60
C ASN B 305 37.72 27.12 -23.16
N LEU B 306 37.63 27.24 -24.49
CA LEU B 306 36.38 27.67 -25.12
C LEU B 306 35.61 26.48 -25.66
N VAL B 307 36.30 25.47 -26.17
CA VAL B 307 35.63 24.25 -26.58
C VAL B 307 35.38 23.35 -25.39
N SER B 308 35.95 23.72 -24.23
CA SER B 308 35.55 23.08 -22.98
C SER B 308 34.35 23.77 -22.37
N PHE B 309 34.03 24.97 -22.82
CA PHE B 309 32.88 25.71 -22.33
C PHE B 309 31.58 25.07 -22.80
N VAL B 310 31.48 24.77 -24.09
CA VAL B 310 30.22 24.28 -24.66
C VAL B 310 29.98 22.82 -24.28
N LEU B 311 31.03 22.02 -24.27
CA LEU B 311 30.90 20.61 -23.92
C LEU B 311 30.59 20.41 -22.44
N PHE B 312 30.91 21.40 -21.61
CA PHE B 312 30.57 21.33 -20.19
C PHE B 312 29.08 21.61 -19.99
N TYR B 313 28.50 22.47 -20.83
CA TYR B 313 27.07 22.75 -20.72
C TYR B 313 26.25 21.85 -21.63
N LEU B 314 26.92 21.07 -22.48
CA LEU B 314 26.23 20.00 -23.19
C LEU B 314 26.05 18.78 -22.30
N SER B 315 27.03 18.51 -21.45
CA SER B 315 26.95 17.34 -20.58
C SER B 315 25.95 17.53 -19.47
N ALA B 316 25.63 18.77 -19.15
CA ALA B 316 24.60 19.05 -18.15
C ALA B 316 23.21 18.89 -18.74
N ALA B 317 23.11 18.93 -20.06
CA ALA B 317 21.80 18.81 -20.70
C ALA B 317 21.47 17.35 -21.04
N ILE B 318 22.47 16.58 -21.46
CA ILE B 318 22.18 15.25 -21.98
C ILE B 318 22.29 14.20 -20.88
N ASN B 319 22.59 14.61 -19.68
CA ASN B 319 22.55 13.65 -18.58
C ASN B 319 21.12 13.27 -18.17
N PRO B 320 20.10 14.15 -18.26
CA PRO B 320 18.71 13.63 -18.22
C PRO B 320 18.34 12.65 -19.33
N ILE B 321 18.90 12.81 -20.53
CA ILE B 321 18.54 11.93 -21.63
C ILE B 321 19.13 10.54 -21.44
N LEU B 322 20.45 10.45 -21.21
CA LEU B 322 21.16 9.18 -21.36
C LEU B 322 20.78 8.16 -20.28
N TYR B 323 20.15 8.61 -19.20
CA TYR B 323 19.80 7.68 -18.13
C TYR B 323 18.29 7.42 -18.03
N ASN B 324 17.48 8.09 -18.85
CA ASN B 324 16.02 8.06 -18.72
C ASN B 324 15.33 7.93 -20.06
N ILE B 325 16.04 7.44 -21.08
CA ILE B 325 15.45 7.35 -22.40
C ILE B 325 15.16 5.92 -22.82
N MET B 326 15.72 4.91 -22.16
CA MET B 326 15.35 3.54 -22.43
C MET B 326 14.56 2.91 -21.28
N SER B 327 14.00 3.73 -20.40
CA SER B 327 13.19 3.26 -19.29
C SER B 327 11.72 3.35 -19.67
N LYS B 328 11.02 2.22 -19.63
CA LYS B 328 9.64 2.17 -20.05
C LYS B 328 8.72 2.80 -19.01
N LYS B 329 9.09 2.65 -17.74
CA LYS B 329 8.30 3.20 -16.64
C LYS B 329 8.32 4.71 -16.66
N TYR B 330 9.45 5.30 -17.02
CA TYR B 330 9.63 6.74 -16.96
C TYR B 330 8.85 7.44 -18.05
N ARG B 331 8.71 6.79 -19.20
CA ARG B 331 8.06 7.44 -20.33
C ARG B 331 6.55 7.47 -20.17
N VAL B 332 5.98 6.44 -19.54
CA VAL B 332 4.55 6.46 -19.27
C VAL B 332 4.25 7.33 -18.06
N ALA B 333 5.27 7.63 -17.25
CA ALA B 333 5.09 8.53 -16.12
C ALA B 333 5.06 9.98 -16.58
N VAL B 334 5.84 10.32 -17.61
CA VAL B 334 5.85 11.68 -18.14
C VAL B 334 4.54 11.98 -18.85
N PHE B 335 4.01 11.01 -19.60
CA PHE B 335 2.75 11.21 -20.29
C PHE B 335 1.58 11.24 -19.32
N ARG B 336 1.65 10.45 -18.24
CA ARG B 336 0.64 10.55 -17.19
C ARG B 336 0.76 11.87 -16.43
N LEU B 337 1.96 12.45 -16.42
CA LEU B 337 2.14 13.77 -15.81
C LEU B 337 1.66 14.88 -16.74
N LEU B 338 2.00 14.78 -18.02
CA LEU B 338 1.68 15.85 -18.95
C LEU B 338 0.20 15.83 -19.35
N GLY B 339 -0.39 14.64 -19.38
CA GLY B 339 -1.77 14.50 -19.78
C GLY B 339 -2.00 14.35 -21.26
N PHE B 340 -0.94 14.24 -22.07
CA PHE B 340 -1.05 14.04 -23.50
C PHE B 340 -0.21 12.84 -23.89
N GLU B 341 -0.86 11.84 -24.48
CA GLU B 341 -0.14 10.72 -25.10
C GLU B 341 -0.94 10.14 -26.27
N SER C 8 -30.54 -32.92 -17.80
CA SER C 8 -30.97 -32.14 -18.94
C SER C 8 -32.40 -32.49 -19.36
N ILE C 9 -33.03 -33.41 -18.63
CA ILE C 9 -34.38 -33.81 -18.98
C ILE C 9 -35.42 -33.10 -18.12
N ALA C 10 -35.07 -32.74 -16.88
CA ALA C 10 -36.02 -32.18 -15.94
C ALA C 10 -35.65 -30.79 -15.44
N GLN C 11 -34.36 -30.45 -15.43
CA GLN C 11 -33.96 -29.09 -15.08
C GLN C 11 -34.37 -28.11 -16.16
N ALA C 12 -34.46 -28.57 -17.41
CA ALA C 12 -35.02 -27.76 -18.47
C ALA C 12 -36.53 -27.57 -18.30
N ARG C 13 -37.21 -28.50 -17.63
CA ARG C 13 -38.63 -28.33 -17.35
C ARG C 13 -38.83 -27.62 -16.01
N LYS C 14 -37.81 -27.59 -15.17
CA LYS C 14 -37.88 -26.78 -13.95
C LYS C 14 -37.62 -25.31 -14.27
N LEU C 15 -37.02 -25.05 -15.44
CA LEU C 15 -36.79 -23.67 -15.87
C LEU C 15 -38.09 -22.95 -16.16
N VAL C 16 -39.09 -23.67 -16.71
CA VAL C 16 -40.35 -23.01 -17.04
C VAL C 16 -41.19 -22.79 -15.78
N GLU C 17 -40.90 -23.55 -14.72
CA GLU C 17 -41.63 -23.39 -13.47
C GLU C 17 -41.21 -22.10 -12.77
N GLN C 18 -39.91 -21.82 -12.77
CA GLN C 18 -39.44 -20.55 -12.21
C GLN C 18 -39.85 -19.39 -13.11
N LEU C 19 -39.86 -19.61 -14.43
CA LEU C 19 -40.22 -18.55 -15.37
C LEU C 19 -41.72 -18.26 -15.32
N LYS C 20 -42.54 -19.24 -14.92
CA LYS C 20 -43.95 -18.96 -14.72
C LYS C 20 -44.19 -18.30 -13.38
N MET C 21 -43.33 -18.55 -12.40
CA MET C 21 -43.51 -17.97 -11.08
C MET C 21 -43.11 -16.50 -11.04
N GLU C 22 -42.20 -16.05 -11.90
CA GLU C 22 -41.86 -14.63 -11.94
C GLU C 22 -42.65 -13.87 -12.99
N ALA C 23 -43.61 -14.52 -13.64
CA ALA C 23 -44.54 -13.82 -14.54
C ALA C 23 -45.85 -13.45 -13.85
N ASN C 24 -46.18 -14.12 -12.75
CA ASN C 24 -47.39 -13.83 -11.99
C ASN C 24 -47.11 -12.85 -10.85
N ILE C 25 -46.57 -11.68 -11.20
CA ILE C 25 -46.26 -10.64 -10.22
C ILE C 25 -46.94 -9.35 -10.66
N ASP C 26 -47.16 -8.45 -9.72
CA ASP C 26 -47.83 -7.17 -9.98
C ASP C 26 -46.79 -6.09 -10.20
N ARG C 27 -46.67 -5.62 -11.44
CA ARG C 27 -45.79 -4.52 -11.79
C ARG C 27 -46.57 -3.21 -11.71
N ILE C 28 -46.06 -2.25 -10.92
CA ILE C 28 -46.59 -0.90 -11.02
C ILE C 28 -46.05 -0.24 -12.29
N LYS C 29 -46.62 0.91 -12.63
CA LYS C 29 -46.17 1.64 -13.81
C LYS C 29 -44.84 2.31 -13.54
N VAL C 30 -44.08 2.54 -14.62
CA VAL C 30 -42.73 3.04 -14.47
C VAL C 30 -42.71 4.54 -14.19
N SER C 31 -43.83 5.23 -14.44
CA SER C 31 -43.96 6.63 -14.05
C SER C 31 -44.04 6.77 -12.53
N LYS C 32 -44.64 5.78 -11.88
CA LYS C 32 -44.82 5.87 -10.43
C LYS C 32 -43.54 5.53 -9.69
N ALA C 33 -42.77 4.57 -10.20
CA ALA C 33 -41.53 4.20 -9.52
C ALA C 33 -40.42 5.20 -9.79
N ALA C 34 -40.50 5.93 -10.90
CA ALA C 34 -39.57 7.03 -11.11
C ALA C 34 -39.94 8.22 -10.23
N ALA C 35 -41.23 8.36 -9.92
CA ALA C 35 -41.68 9.46 -9.07
C ALA C 35 -41.42 9.17 -7.60
N ASP C 36 -41.29 7.89 -7.23
CA ASP C 36 -41.02 7.56 -5.84
C ASP C 36 -39.54 7.71 -5.50
N LEU C 37 -38.65 7.36 -6.42
CA LEU C 37 -37.23 7.61 -6.20
C LEU C 37 -36.92 9.09 -6.24
N MET C 38 -37.67 9.84 -7.03
CA MET C 38 -37.54 11.29 -7.03
C MET C 38 -38.04 11.88 -5.72
N ALA C 39 -39.08 11.27 -5.14
CA ALA C 39 -39.66 11.79 -3.91
C ALA C 39 -38.81 11.42 -2.69
N TYR C 40 -38.05 10.32 -2.76
CA TYR C 40 -37.18 9.96 -1.65
C TYR C 40 -36.01 10.91 -1.55
N CYS C 41 -35.40 11.27 -2.68
CA CYS C 41 -34.18 12.07 -2.63
C CYS C 41 -34.47 13.51 -2.25
N GLU C 42 -35.68 14.01 -2.51
CA GLU C 42 -36.03 15.35 -2.08
C GLU C 42 -36.26 15.44 -0.58
N ALA C 43 -36.74 14.37 0.04
CA ALA C 43 -37.02 14.39 1.47
C ALA C 43 -35.78 14.17 2.31
N HIS C 44 -34.83 13.38 1.83
CA HIS C 44 -33.59 13.11 2.54
C HIS C 44 -32.42 13.91 2.00
N ALA C 45 -32.69 15.03 1.33
CA ALA C 45 -31.63 15.80 0.69
C ALA C 45 -30.79 16.54 1.71
N LYS C 46 -31.43 17.11 2.73
CA LYS C 46 -30.75 18.02 3.65
C LYS C 46 -29.87 17.29 4.66
N GLU C 47 -30.01 15.98 4.78
CA GLU C 47 -29.17 15.18 5.66
C GLU C 47 -28.19 14.33 4.86
N ASP C 48 -27.65 14.89 3.80
CA ASP C 48 -26.65 14.23 2.95
C ASP C 48 -25.37 15.06 2.99
N PRO C 49 -24.35 14.65 3.75
CA PRO C 49 -23.13 15.45 3.85
C PRO C 49 -22.24 15.42 2.62
N LEU C 50 -22.54 14.60 1.62
CA LEU C 50 -21.79 14.62 0.37
C LEU C 50 -22.47 15.45 -0.70
N LEU C 51 -23.79 15.51 -0.67
CA LEU C 51 -24.53 16.35 -1.60
C LEU C 51 -24.39 17.82 -1.23
N THR C 52 -24.83 18.20 -0.04
CA THR C 52 -24.59 19.54 0.50
C THR C 52 -23.71 19.39 1.72
N PRO C 53 -22.45 19.83 1.65
CA PRO C 53 -21.49 19.51 2.73
C PRO C 53 -21.76 20.27 4.00
N VAL C 54 -21.33 19.68 5.11
CA VAL C 54 -21.46 20.26 6.45
C VAL C 54 -20.40 21.34 6.62
N PRO C 55 -20.56 22.27 7.57
CA PRO C 55 -19.46 23.15 7.92
C PRO C 55 -18.33 22.38 8.60
N ALA C 56 -17.16 23.03 8.65
CA ALA C 56 -15.96 22.38 9.14
C ALA C 56 -15.99 22.14 10.65
N SER C 57 -16.92 22.76 11.38
CA SER C 57 -17.05 22.48 12.81
C SER C 57 -17.70 21.13 13.05
N GLU C 58 -18.55 20.67 12.14
CA GLU C 58 -19.23 19.39 12.26
C GLU C 58 -18.61 18.29 11.42
N ASN C 59 -17.61 18.59 10.63
CA ASN C 59 -16.91 17.59 9.83
C ASN C 59 -15.92 16.83 10.71
N PRO C 60 -16.08 15.51 10.89
CA PRO C 60 -15.13 14.77 11.73
C PRO C 60 -13.81 14.45 11.05
N PHE C 61 -13.66 14.74 9.78
CA PHE C 61 -12.43 14.49 9.05
C PHE C 61 -11.70 15.77 8.69
N ARG C 62 -11.95 16.86 9.38
CA ARG C 62 -11.27 18.14 9.15
C ARG C 62 -11.31 19.01 10.40
N VAL D 2 -7.86 -17.08 31.81
CA VAL D 2 -7.16 -15.85 32.15
C VAL D 2 -6.92 -15.80 33.64
N GLN D 3 -5.66 -15.69 34.04
CA GLN D 3 -5.34 -15.52 35.45
C GLN D 3 -3.99 -14.81 35.61
N LEU D 4 -3.86 -14.12 36.73
CA LEU D 4 -2.62 -13.47 37.17
C LEU D 4 -2.37 -13.92 38.59
N VAL D 5 -1.16 -14.37 38.89
CA VAL D 5 -0.81 -14.84 40.22
C VAL D 5 0.52 -14.20 40.62
N GLU D 6 0.54 -13.60 41.81
CA GLU D 6 1.71 -12.89 42.30
C GLU D 6 2.31 -13.62 43.49
N SER D 7 3.61 -13.44 43.67
CA SER D 7 4.34 -14.14 44.72
C SER D 7 5.54 -13.29 45.12
N GLY D 8 6.00 -13.52 46.35
CA GLY D 8 7.19 -12.84 46.84
C GLY D 8 6.94 -11.76 47.88
N GLY D 9 5.95 -11.97 48.75
CA GLY D 9 5.68 -11.02 49.80
C GLY D 9 5.82 -11.61 51.19
N GLY D 10 6.33 -10.84 52.13
CA GLY D 10 6.50 -11.33 53.48
C GLY D 10 7.04 -10.25 54.39
N LEU D 11 7.47 -10.68 55.57
CA LEU D 11 8.01 -9.76 56.55
C LEU D 11 9.39 -9.26 56.13
N VAL D 12 9.53 -7.94 56.02
CA VAL D 12 10.76 -7.31 55.56
C VAL D 12 11.18 -6.24 56.56
N GLN D 13 12.50 -6.21 56.91
CA GLN D 13 13.06 -5.11 57.70
C GLN D 13 13.11 -3.83 56.87
N PRO D 14 12.90 -2.67 57.50
CA PRO D 14 12.88 -1.42 56.74
C PRO D 14 14.26 -1.03 56.24
N GLY D 15 14.29 -0.38 55.07
CA GLY D 15 15.53 -0.04 54.43
C GLY D 15 16.06 -1.09 53.47
N GLY D 16 15.60 -2.34 53.60
CA GLY D 16 16.07 -3.43 52.75
C GLY D 16 15.48 -3.45 51.36
N SER D 17 15.30 -4.65 50.80
CA SER D 17 14.78 -4.79 49.46
C SER D 17 13.96 -6.07 49.35
N ARG D 18 13.14 -6.12 48.31
CA ARG D 18 12.27 -7.26 48.02
C ARG D 18 11.85 -7.15 46.56
N LYS D 19 11.76 -8.30 45.89
CA LYS D 19 11.33 -8.37 44.50
C LYS D 19 9.97 -9.04 44.42
N LEU D 20 9.07 -8.45 43.63
CA LEU D 20 7.72 -8.94 43.43
C LEU D 20 7.59 -9.49 42.02
N SER D 21 7.04 -10.70 41.88
CA SER D 21 6.85 -11.32 40.59
C SER D 21 5.37 -11.54 40.33
N CYS D 22 4.97 -11.49 39.06
CA CYS D 22 3.58 -11.65 38.64
C CYS D 22 3.56 -12.46 37.35
N SER D 23 3.23 -13.75 37.46
CA SER D 23 3.26 -14.66 36.31
C SER D 23 1.86 -14.81 35.71
N ALA D 24 1.75 -14.58 34.41
CA ALA D 24 0.49 -14.52 33.72
C ALA D 24 0.21 -15.78 32.92
N SER D 25 -1.07 -16.16 32.85
CA SER D 25 -1.43 -17.43 32.22
C SER D 25 -2.81 -17.27 31.58
N GLY D 26 -2.91 -17.54 30.29
CA GLY D 26 -4.18 -17.58 29.62
C GLY D 26 -4.50 -16.42 28.71
N PHE D 27 -3.57 -15.51 28.47
CA PHE D 27 -3.80 -14.40 27.56
C PHE D 27 -2.47 -14.01 26.93
N ALA D 28 -2.57 -13.23 25.86
CA ALA D 28 -1.40 -12.79 25.11
C ALA D 28 -0.73 -11.66 25.87
N PHE D 29 0.20 -12.03 26.77
CA PHE D 29 0.80 -11.11 27.72
C PHE D 29 1.61 -10.00 27.06
N SER D 30 2.14 -10.24 25.86
CA SER D 30 3.03 -9.29 25.21
C SER D 30 2.32 -8.05 24.72
N SER D 31 1.01 -8.06 24.56
CA SER D 31 0.28 -6.95 23.98
C SER D 31 -0.47 -6.12 25.00
N PHE D 32 -0.45 -6.52 26.27
CA PHE D 32 -1.07 -5.79 27.36
C PHE D 32 -0.03 -4.94 28.06
N GLY D 33 -0.39 -3.70 28.40
CA GLY D 33 0.38 -2.96 29.38
C GLY D 33 -0.04 -3.36 30.79
N MET D 34 0.89 -3.25 31.73
CA MET D 34 0.61 -3.71 33.09
C MET D 34 0.84 -2.59 34.10
N HIS D 35 0.07 -2.63 35.18
CA HIS D 35 0.13 -1.67 36.27
C HIS D 35 0.38 -2.42 37.56
N TRP D 36 0.93 -1.72 38.56
CA TRP D 36 0.88 -2.16 39.93
C TRP D 36 0.00 -1.21 40.71
N VAL D 37 -0.83 -1.74 41.57
CA VAL D 37 -1.74 -0.97 42.41
C VAL D 37 -1.66 -1.59 43.80
N ARG D 38 -1.45 -0.78 44.82
CA ARG D 38 -1.34 -1.32 46.16
C ARG D 38 -2.49 -0.85 47.03
N GLN D 39 -2.71 -1.58 48.13
CA GLN D 39 -3.76 -1.26 49.08
C GLN D 39 -3.21 -1.40 50.49
N ALA D 40 -3.18 -0.29 51.22
CA ALA D 40 -2.77 -0.19 52.62
C ALA D 40 -3.71 -1.03 53.49
N PRO D 41 -3.31 -1.45 54.71
CA PRO D 41 -4.10 -2.47 55.44
C PRO D 41 -5.52 -2.08 55.82
N GLU D 42 -5.86 -0.80 55.84
CA GLU D 42 -7.26 -0.42 56.01
C GLU D 42 -7.68 0.73 55.12
N LYS D 43 -6.81 1.19 54.23
CA LYS D 43 -7.08 2.36 53.40
C LYS D 43 -7.52 1.92 52.01
N GLY D 44 -7.57 2.86 51.06
CA GLY D 44 -8.03 2.60 49.72
C GLY D 44 -6.89 2.34 48.75
N LEU D 45 -7.26 2.26 47.48
CA LEU D 45 -6.32 1.86 46.43
C LEU D 45 -5.37 3.00 46.06
N GLU D 46 -4.22 2.63 45.51
CA GLU D 46 -3.12 3.57 45.31
C GLU D 46 -2.26 3.03 44.18
N TRP D 47 -2.19 3.77 43.08
CA TRP D 47 -1.42 3.35 41.91
C TRP D 47 0.06 3.48 42.17
N VAL D 48 0.86 2.58 41.58
CA VAL D 48 2.31 2.56 41.84
C VAL D 48 3.13 2.75 40.56
N ALA D 49 3.01 1.84 39.60
CA ALA D 49 3.89 1.86 38.44
C ALA D 49 3.10 1.45 37.20
N TYR D 50 3.77 1.55 36.05
CA TYR D 50 3.17 1.19 34.77
C TYR D 50 4.27 0.86 33.79
N ILE D 51 4.11 -0.23 33.03
CA ILE D 51 4.99 -0.52 31.91
C ILE D 51 4.11 -0.86 30.70
N SER D 52 4.48 -0.34 29.53
CA SER D 52 3.62 -0.55 28.38
C SER D 52 3.95 -1.88 27.70
N SER D 53 3.38 -2.08 26.53
CA SER D 53 3.67 -3.25 25.73
C SER D 53 4.94 -3.00 24.93
N GLY D 54 5.95 -3.81 25.18
CA GLY D 54 7.25 -3.62 24.60
C GLY D 54 8.20 -2.80 25.44
N SER D 55 7.78 -2.42 26.65
CA SER D 55 8.52 -1.66 27.65
C SER D 55 8.93 -0.28 27.17
N GLY D 56 8.22 0.31 26.23
CA GLY D 56 8.65 1.57 25.69
C GLY D 56 8.21 2.79 26.46
N THR D 57 7.44 2.62 27.53
CA THR D 57 6.90 3.72 28.32
C THR D 57 6.75 3.23 29.75
N ILE D 58 7.36 3.94 30.68
CA ILE D 58 7.32 3.57 32.09
C ILE D 58 6.97 4.82 32.91
N TYR D 59 5.98 4.69 33.79
CA TYR D 59 5.61 5.75 34.71
C TYR D 59 5.65 5.21 36.13
N TYR D 60 5.91 6.09 37.09
CA TYR D 60 5.86 5.71 38.50
C TYR D 60 5.04 6.72 39.27
N ALA D 61 4.53 6.29 40.41
CA ALA D 61 3.99 7.23 41.37
C ALA D 61 5.14 8.06 41.94
N ASP D 62 4.84 9.31 42.28
CA ASP D 62 5.88 10.21 42.79
C ASP D 62 6.31 9.83 44.20
N THR D 63 5.52 9.02 44.90
CA THR D 63 5.93 8.50 46.19
C THR D 63 7.09 7.52 46.05
N VAL D 64 7.13 6.77 44.95
CA VAL D 64 8.09 5.70 44.76
C VAL D 64 9.08 5.98 43.65
N LYS D 65 9.08 7.18 43.08
CA LYS D 65 9.92 7.50 41.92
C LYS D 65 11.40 7.57 42.31
N GLY D 66 12.20 6.66 41.79
CA GLY D 66 13.61 6.61 42.12
C GLY D 66 14.00 5.32 42.81
N ARG D 67 13.09 4.77 43.62
CA ARG D 67 13.38 3.63 44.47
C ARG D 67 12.66 2.35 44.08
N PHE D 68 11.68 2.41 43.19
CA PHE D 68 11.03 1.23 42.64
C PHE D 68 11.39 1.11 41.17
N THR D 69 11.47 -0.12 40.67
CA THR D 69 11.72 -0.37 39.26
C THR D 69 10.80 -1.47 38.74
N ILE D 70 10.04 -1.17 37.69
CA ILE D 70 9.15 -2.13 37.06
C ILE D 70 9.82 -2.67 35.79
N SER D 71 9.62 -3.96 35.53
CA SER D 71 10.17 -4.60 34.34
C SER D 71 9.33 -5.83 34.01
N ARG D 72 9.35 -6.21 32.73
CA ARG D 72 8.54 -7.31 32.25
C ARG D 72 9.39 -8.28 31.45
N ASP D 73 9.03 -9.55 31.49
CA ASP D 73 9.73 -10.60 30.75
C ASP D 73 8.75 -11.26 29.78
N ASP D 74 8.80 -10.83 28.52
CA ASP D 74 7.83 -11.34 27.55
C ASP D 74 8.09 -12.79 27.10
N PRO D 75 9.33 -13.28 26.99
CA PRO D 75 9.49 -14.74 26.79
C PRO D 75 9.00 -15.60 27.94
N LYS D 76 9.11 -15.15 29.19
CA LYS D 76 8.72 -15.97 30.33
C LYS D 76 7.33 -15.64 30.86
N ASN D 77 6.69 -14.59 30.33
CA ASN D 77 5.36 -14.12 30.71
C ASN D 77 5.28 -13.78 32.20
N THR D 78 6.16 -12.87 32.64
CA THR D 78 6.20 -12.43 34.02
C THR D 78 6.36 -10.92 34.09
N LEU D 79 6.01 -10.37 35.24
CA LEU D 79 6.13 -8.95 35.55
C LEU D 79 6.88 -8.80 36.86
N PHE D 80 7.72 -7.77 36.96
CA PHE D 80 8.62 -7.58 38.10
C PHE D 80 8.45 -6.20 38.69
N LEU D 81 8.51 -6.10 40.01
CA LEU D 81 8.67 -4.84 40.71
C LEU D 81 9.82 -4.98 41.69
N GLN D 82 10.94 -4.34 41.39
CA GLN D 82 12.09 -4.32 42.29
C GLN D 82 11.92 -3.14 43.23
N MET D 83 11.90 -3.42 44.53
CA MET D 83 11.58 -2.43 45.54
C MET D 83 12.80 -2.20 46.43
N THR D 84 13.31 -0.97 46.44
CA THR D 84 14.49 -0.60 47.22
C THR D 84 14.11 0.49 48.21
N SER D 85 14.84 0.53 49.34
CA SER D 85 14.70 1.52 50.40
C SER D 85 13.30 1.50 51.01
N LEU D 86 12.96 0.36 51.60
CA LEU D 86 11.58 0.10 52.03
C LEU D 86 11.28 0.89 53.30
N ARG D 87 10.34 1.82 53.21
CA ARG D 87 9.83 2.54 54.35
C ARG D 87 8.66 1.78 54.97
N SER D 88 8.22 2.25 56.15
CA SER D 88 7.08 1.63 56.80
C SER D 88 5.75 2.05 56.21
N GLU D 89 5.74 2.99 55.26
CA GLU D 89 4.55 3.35 54.51
C GLU D 89 4.32 2.44 53.30
N ASP D 90 5.17 1.43 53.10
CA ASP D 90 5.03 0.49 52.00
C ASP D 90 4.45 -0.85 52.42
N THR D 91 3.95 -0.96 53.64
CA THR D 91 3.14 -2.12 54.01
C THR D 91 1.81 -2.04 53.29
N ALA D 92 1.54 -3.01 52.43
CA ALA D 92 0.36 -2.94 51.56
C ALA D 92 0.05 -4.36 51.07
N MET D 93 -0.93 -4.44 50.18
CA MET D 93 -1.22 -5.62 49.37
C MET D 93 -1.15 -5.17 47.92
N TYR D 94 -0.24 -5.76 47.16
CA TYR D 94 0.08 -5.27 45.82
C TYR D 94 -0.68 -6.07 44.78
N TYR D 95 -1.35 -5.36 43.88
CA TYR D 95 -2.18 -5.98 42.85
C TYR D 95 -1.52 -5.81 41.49
N CYS D 96 -1.60 -6.85 40.68
CA CYS D 96 -1.08 -6.86 39.33
C CYS D 96 -2.27 -6.71 38.38
N VAL D 97 -2.31 -5.61 37.64
CA VAL D 97 -3.44 -5.27 36.79
C VAL D 97 -2.98 -5.18 35.35
N ARG D 98 -3.76 -5.74 34.44
CA ARG D 98 -3.49 -5.68 33.00
C ARG D 98 -4.41 -4.65 32.36
N SER D 99 -3.95 -4.05 31.26
CA SER D 99 -4.75 -3.06 30.55
C SER D 99 -4.24 -2.95 29.12
N ILE D 100 -5.16 -2.98 28.17
CA ILE D 100 -4.83 -2.87 26.75
C ILE D 100 -5.51 -1.62 26.20
N TYR D 101 -4.84 -0.93 25.28
CA TYR D 101 -5.30 0.36 24.78
C TYR D 101 -5.35 0.35 23.27
N TYR D 102 -6.56 0.41 22.72
CA TYR D 102 -6.83 0.78 21.33
C TYR D 102 -8.18 1.49 21.35
N TYR D 103 -8.77 1.69 20.18
CA TYR D 103 -10.05 2.35 20.13
C TYR D 103 -11.16 1.42 20.60
N GLY D 104 -11.86 1.82 21.66
CA GLY D 104 -12.97 1.06 22.15
C GLY D 104 -12.64 -0.08 23.08
N SER D 105 -11.42 -0.12 23.62
CA SER D 105 -11.04 -1.24 24.46
C SER D 105 -11.47 -0.99 25.90
N SER D 106 -11.15 -1.96 26.75
CA SER D 106 -11.52 -1.94 28.16
C SER D 106 -10.27 -2.06 29.01
N PRO D 107 -9.65 -0.94 29.40
CA PRO D 107 -8.50 -1.02 30.28
C PRO D 107 -8.89 -1.36 31.70
N PHE D 108 -7.90 -1.84 32.45
CA PHE D 108 -8.00 -2.18 33.88
C PHE D 108 -9.04 -3.27 34.15
N ASP D 109 -9.16 -4.26 33.27
CA ASP D 109 -10.27 -5.18 33.35
C ASP D 109 -9.97 -6.50 34.04
N PHE D 110 -8.71 -6.81 34.35
CA PHE D 110 -8.44 -8.00 35.16
C PHE D 110 -7.36 -7.71 36.19
N TRP D 111 -7.61 -8.13 37.42
CA TRP D 111 -6.76 -7.82 38.56
C TRP D 111 -6.21 -9.11 39.16
N GLY D 112 -5.00 -9.03 39.70
CA GLY D 112 -4.37 -10.19 40.29
C GLY D 112 -4.96 -10.55 41.65
N GLN D 113 -4.19 -11.34 42.40
CA GLN D 113 -4.68 -11.85 43.68
C GLN D 113 -4.04 -11.19 44.90
N GLY D 114 -2.82 -10.69 44.79
CA GLY D 114 -2.27 -9.91 45.88
C GLY D 114 -1.12 -10.61 46.58
N THR D 115 -0.13 -9.81 46.97
CA THR D 115 0.97 -10.24 47.83
C THR D 115 1.03 -9.34 49.05
N THR D 116 1.08 -9.95 50.22
CA THR D 116 1.13 -9.21 51.48
C THR D 116 2.57 -8.87 51.80
N LEU D 117 3.00 -7.66 51.47
CA LEU D 117 4.31 -7.18 51.87
C LEU D 117 4.18 -6.41 53.17
N THR D 118 4.89 -6.88 54.20
CA THR D 118 4.79 -6.30 55.55
C THR D 118 6.15 -5.77 55.95
N VAL D 119 6.35 -4.47 55.81
CA VAL D 119 7.58 -3.82 56.23
C VAL D 119 7.46 -3.49 57.72
N SER D 120 8.48 -3.86 58.48
CA SER D 120 8.43 -3.71 59.93
C SER D 120 8.64 -2.26 60.33
N SER D 121 8.16 -1.91 61.52
CA SER D 121 8.33 -0.56 62.05
C SER D 121 9.38 -0.55 63.16
N SER D 136 -0.30 19.17 41.37
CA SER D 136 -0.45 18.98 39.93
C SER D 136 -1.35 17.81 39.61
N ASP D 137 -1.71 17.06 40.65
CA ASP D 137 -2.51 15.85 40.50
C ASP D 137 -3.99 16.20 40.46
N ILE D 138 -4.81 15.21 40.11
CA ILE D 138 -6.27 15.34 40.11
C ILE D 138 -6.78 14.58 41.33
N VAL D 139 -7.59 15.24 42.14
CA VAL D 139 -8.08 14.67 43.39
C VAL D 139 -9.51 14.20 43.16
N MET D 140 -9.75 12.92 43.39
CA MET D 140 -11.08 12.34 43.26
C MET D 140 -11.75 12.23 44.62
N THR D 141 -12.94 12.79 44.75
CA THR D 141 -13.60 12.97 46.03
C THR D 141 -14.91 12.19 46.06
N GLN D 142 -14.96 11.14 46.87
CA GLN D 142 -16.21 10.50 47.25
C GLN D 142 -16.49 10.94 48.68
N ALA D 143 -17.28 12.00 48.84
CA ALA D 143 -17.48 12.59 50.15
C ALA D 143 -18.31 11.69 51.05
N THR D 144 -19.24 10.94 50.48
CA THR D 144 -19.91 9.93 51.27
C THR D 144 -18.99 8.72 51.44
N SER D 145 -19.10 8.06 52.58
CA SER D 145 -18.26 6.90 52.86
C SER D 145 -19.02 5.70 53.37
N SER D 146 -20.29 5.85 53.76
CA SER D 146 -21.09 4.74 54.25
C SER D 146 -22.55 5.07 53.98
N VAL D 147 -23.27 4.13 53.39
CA VAL D 147 -24.72 4.24 53.22
C VAL D 147 -25.38 2.95 53.71
N PRO D 148 -26.44 3.03 54.52
CA PRO D 148 -27.16 1.82 54.92
C PRO D 148 -28.14 1.40 53.83
N VAL D 149 -27.98 0.18 53.33
CA VAL D 149 -28.66 -0.26 52.11
C VAL D 149 -29.44 -1.53 52.40
N THR D 150 -30.64 -1.60 51.80
CA THR D 150 -31.60 -2.69 51.80
C THR D 150 -31.73 -3.26 50.38
N PRO D 151 -31.78 -4.58 50.21
CA PRO D 151 -31.90 -5.16 48.86
C PRO D 151 -33.22 -4.82 48.19
N GLY D 152 -33.16 -4.75 46.86
CA GLY D 152 -34.27 -4.29 46.05
C GLY D 152 -34.33 -2.80 45.83
N GLU D 153 -33.59 -2.02 46.61
CA GLU D 153 -33.69 -0.56 46.56
C GLU D 153 -32.75 0.00 45.50
N SER D 154 -32.71 1.33 45.39
CA SER D 154 -31.97 2.03 44.35
C SER D 154 -30.85 2.84 45.00
N VAL D 155 -29.62 2.58 44.58
CA VAL D 155 -28.44 3.19 45.18
C VAL D 155 -27.83 4.16 44.18
N SER D 156 -27.27 5.25 44.66
CA SER D 156 -26.55 6.18 43.79
C SER D 156 -25.27 6.62 44.47
N ILE D 157 -24.14 6.25 43.88
CA ILE D 157 -22.81 6.57 44.39
C ILE D 157 -22.26 7.73 43.59
N SER D 158 -21.83 8.77 44.29
CA SER D 158 -21.41 9.99 43.62
C SER D 158 -19.92 10.24 43.86
N CYS D 159 -19.22 10.63 42.80
CA CYS D 159 -17.80 10.94 42.82
C CYS D 159 -17.63 12.33 42.24
N ARG D 160 -16.58 13.02 42.67
CA ARG D 160 -16.33 14.38 42.23
C ARG D 160 -14.85 14.57 41.93
N SER D 161 -14.54 15.35 40.91
CA SER D 161 -13.18 15.53 40.45
C SER D 161 -12.77 16.99 40.56
N SER D 162 -11.47 17.22 40.83
CA SER D 162 -10.96 18.59 40.93
C SER D 162 -10.59 19.16 39.57
N LYS D 163 -10.72 18.39 38.51
CA LYS D 163 -10.46 18.83 37.15
C LYS D 163 -11.48 18.12 36.27
N SER D 164 -11.84 18.74 35.15
CA SER D 164 -12.79 18.13 34.23
C SER D 164 -12.15 16.96 33.52
N LEU D 165 -12.73 15.77 33.70
CA LEU D 165 -12.26 14.55 33.06
C LEU D 165 -12.70 14.42 31.62
N LEU D 166 -13.58 15.29 31.16
CA LEU D 166 -13.99 15.29 29.76
C LEU D 166 -12.86 15.84 28.89
N HIS D 167 -12.56 15.13 27.81
CA HIS D 167 -11.52 15.51 26.88
C HIS D 167 -12.15 16.12 25.64
N SER D 168 -11.28 16.71 24.80
CA SER D 168 -11.75 17.33 23.57
C SER D 168 -12.16 16.30 22.52
N ASN D 169 -11.71 15.05 22.68
CA ASN D 169 -12.15 14.03 21.74
C ASN D 169 -13.60 13.61 22.01
N GLY D 170 -14.02 13.64 23.26
CA GLY D 170 -15.40 13.33 23.59
C GLY D 170 -15.53 12.35 24.73
N ASN D 171 -14.41 11.75 25.14
CA ASN D 171 -14.42 10.76 26.20
C ASN D 171 -14.28 11.43 27.56
N THR D 172 -14.82 10.77 28.59
CA THR D 172 -14.74 11.25 29.98
C THR D 172 -14.12 10.06 30.68
N TYR D 173 -12.82 10.11 30.93
CA TYR D 173 -12.10 8.95 31.42
C TYR D 173 -12.28 8.79 32.92
N LEU D 174 -13.42 8.19 33.27
CA LEU D 174 -13.78 7.86 34.65
C LEU D 174 -14.21 6.39 34.67
N TYR D 175 -13.66 5.61 35.61
CA TYR D 175 -13.87 4.19 35.70
C TYR D 175 -14.43 3.89 37.08
N TRP D 176 -15.20 2.83 37.19
CA TRP D 176 -15.74 2.40 38.48
C TRP D 176 -15.28 0.99 38.76
N PHE D 177 -14.91 0.72 40.00
CA PHE D 177 -14.48 -0.60 40.44
C PHE D 177 -15.26 -0.98 41.67
N LEU D 178 -15.47 -2.28 41.86
CA LEU D 178 -16.12 -2.81 43.05
C LEU D 178 -15.19 -3.85 43.65
N GLN D 179 -14.93 -3.73 44.95
CA GLN D 179 -14.14 -4.70 45.69
C GLN D 179 -15.03 -5.36 46.74
N ARG D 180 -15.33 -6.63 46.55
CA ARG D 180 -16.12 -7.39 47.50
C ARG D 180 -15.25 -7.71 48.71
N PRO D 181 -15.86 -7.98 49.86
CA PRO D 181 -15.05 -8.28 51.07
C PRO D 181 -14.27 -9.57 50.92
N GLY D 182 -12.95 -9.43 50.83
CA GLY D 182 -12.06 -10.57 50.69
C GLY D 182 -11.65 -10.90 49.28
N GLN D 183 -11.80 -9.97 48.34
CA GLN D 183 -11.50 -10.23 46.94
C GLN D 183 -10.78 -9.02 46.35
N SER D 184 -10.29 -9.20 45.13
CA SER D 184 -9.65 -8.13 44.39
C SER D 184 -10.72 -7.26 43.73
N PRO D 185 -10.37 -6.02 43.33
CA PRO D 185 -11.33 -5.18 42.63
C PRO D 185 -11.71 -5.74 41.26
N GLN D 186 -12.76 -5.15 40.70
CA GLN D 186 -13.37 -5.66 39.47
C GLN D 186 -14.01 -4.50 38.74
N LEU D 187 -13.69 -4.35 37.46
CA LEU D 187 -14.19 -3.22 36.68
C LEU D 187 -15.69 -3.34 36.44
N LEU D 188 -16.41 -2.24 36.63
CA LEU D 188 -17.83 -2.18 36.38
C LEU D 188 -18.16 -1.30 35.18
N ILE D 189 -17.77 -0.04 35.25
CA ILE D 189 -18.05 0.93 34.20
C ILE D 189 -16.76 1.54 33.71
N TYR D 190 -16.58 1.62 32.39
CA TYR D 190 -15.36 2.22 31.85
C TYR D 190 -15.69 3.41 30.96
N ARG D 191 -14.90 4.46 31.11
CA ARG D 191 -15.07 5.71 30.37
C ARG D 191 -16.40 6.42 30.57
N MET D 192 -16.91 6.30 31.80
CA MET D 192 -18.08 6.98 32.37
C MET D 192 -19.49 6.52 32.00
N SER D 193 -19.62 5.59 31.07
CA SER D 193 -20.95 5.12 30.69
C SER D 193 -20.99 3.64 30.28
N ASN D 194 -19.88 3.16 29.75
CA ASN D 194 -19.81 1.80 29.25
C ASN D 194 -19.79 0.67 30.27
N LEU D 195 -20.84 -0.13 30.25
CA LEU D 195 -20.91 -1.30 31.10
C LEU D 195 -19.89 -2.33 30.63
N ALA D 196 -19.15 -2.90 31.58
CA ALA D 196 -18.11 -3.86 31.23
C ALA D 196 -18.73 -5.20 30.86
N SER D 197 -17.89 -6.10 30.34
CA SER D 197 -18.34 -7.44 29.99
C SER D 197 -18.33 -8.32 31.23
N GLY D 198 -19.46 -8.94 31.51
CA GLY D 198 -19.60 -9.81 32.66
C GLY D 198 -20.37 -9.21 33.81
N VAL D 199 -20.60 -7.92 33.81
CA VAL D 199 -21.38 -7.30 34.89
C VAL D 199 -22.82 -7.16 34.40
N PRO D 200 -23.80 -7.29 35.30
CA PRO D 200 -25.20 -7.22 34.86
C PRO D 200 -25.63 -5.81 34.48
N ASP D 201 -26.84 -5.74 33.93
CA ASP D 201 -27.34 -4.51 33.34
C ASP D 201 -27.85 -3.51 34.39
N ARG D 202 -27.98 -3.94 35.65
CA ARG D 202 -28.52 -3.05 36.68
C ARG D 202 -27.57 -1.95 37.08
N PHE D 203 -26.30 -2.04 36.71
CA PHE D 203 -25.36 -0.94 36.93
C PHE D 203 -25.46 0.05 35.77
N SER D 204 -25.27 1.33 36.09
CA SER D 204 -25.38 2.39 35.11
C SER D 204 -24.53 3.57 35.56
N GLY D 205 -23.97 4.29 34.61
CA GLY D 205 -23.13 5.44 34.93
C GLY D 205 -23.45 6.69 34.14
N SER D 206 -23.53 7.81 34.84
CA SER D 206 -23.82 9.09 34.21
C SER D 206 -22.80 10.11 34.71
N GLY D 207 -22.52 11.13 33.90
CA GLY D 207 -21.55 12.13 34.28
C GLY D 207 -21.85 13.53 33.80
N SER D 208 -21.03 14.48 34.26
CA SER D 208 -21.18 15.88 33.90
C SER D 208 -19.87 16.53 33.51
N GLY D 209 -18.76 15.79 33.51
CA GLY D 209 -17.43 16.35 33.39
C GLY D 209 -16.74 16.54 34.72
N THR D 210 -17.49 16.88 35.77
CA THR D 210 -16.93 17.10 37.09
C THR D 210 -17.61 16.26 38.17
N ALA D 211 -18.90 15.97 38.04
CA ALA D 211 -19.61 15.13 39.00
C ALA D 211 -20.11 13.90 38.27
N PHE D 212 -19.88 12.73 38.88
CA PHE D 212 -20.25 11.46 38.29
C PHE D 212 -21.13 10.65 39.21
N THR D 213 -21.98 9.80 38.64
CA THR D 213 -22.93 9.03 39.42
C THR D 213 -22.92 7.59 38.93
N LEU D 214 -22.96 6.65 39.87
CA LEU D 214 -23.17 5.24 39.57
C LEU D 214 -24.48 4.81 40.20
N THR D 215 -25.44 4.39 39.37
CA THR D 215 -26.76 4.01 39.85
C THR D 215 -26.95 2.51 39.70
N ILE D 216 -27.28 1.84 40.80
CA ILE D 216 -27.69 0.44 40.81
C ILE D 216 -29.20 0.43 40.91
N SER D 217 -29.86 -0.34 40.03
CA SER D 217 -31.31 -0.28 39.92
C SER D 217 -31.99 -0.97 41.09
N ARG D 218 -31.73 -2.26 41.26
CA ARG D 218 -32.19 -3.01 42.42
C ARG D 218 -30.98 -3.69 43.03
N LEU D 219 -30.87 -3.66 44.35
CA LEU D 219 -29.73 -4.28 44.99
C LEU D 219 -29.95 -5.79 45.08
N GLU D 220 -28.84 -6.54 44.97
CA GLU D 220 -28.83 -7.95 45.33
C GLU D 220 -27.74 -8.15 46.38
N ALA D 221 -27.52 -9.40 46.75
CA ALA D 221 -26.51 -9.70 47.76
C ALA D 221 -25.11 -9.78 47.19
N GLU D 222 -24.98 -9.82 45.86
CA GLU D 222 -23.70 -9.86 45.16
C GLU D 222 -23.18 -8.48 44.80
N ASP D 223 -23.70 -7.43 45.43
CA ASP D 223 -23.29 -6.06 45.16
C ASP D 223 -22.69 -5.38 46.38
N VAL D 224 -22.58 -6.09 47.49
CA VAL D 224 -22.11 -5.51 48.75
C VAL D 224 -20.59 -5.43 48.70
N GLY D 225 -20.06 -4.23 48.86
CA GLY D 225 -18.63 -4.04 48.82
C GLY D 225 -18.26 -2.59 48.82
N VAL D 226 -17.02 -2.32 48.40
CA VAL D 226 -16.45 -0.98 48.40
C VAL D 226 -16.31 -0.51 46.95
N TYR D 227 -16.81 0.69 46.67
CA TYR D 227 -16.87 1.22 45.31
C TYR D 227 -15.85 2.34 45.15
N TYR D 228 -15.01 2.24 44.13
CA TYR D 228 -14.00 3.25 43.84
C TYR D 228 -14.27 3.89 42.49
N CYS D 229 -13.90 5.16 42.38
CA CYS D 229 -13.82 5.84 41.11
C CYS D 229 -12.36 6.12 40.79
N MET D 230 -11.98 5.95 39.53
CA MET D 230 -10.65 6.24 39.08
C MET D 230 -10.74 7.22 37.93
N GLN D 231 -9.70 8.01 37.74
CA GLN D 231 -9.55 8.84 36.56
C GLN D 231 -8.43 8.28 35.70
N HIS D 232 -8.55 8.43 34.39
CA HIS D 232 -7.51 7.99 33.49
C HIS D 232 -7.19 9.07 32.47
N LEU D 233 -7.44 10.32 32.83
CA LEU D 233 -7.22 11.44 31.94
C LEU D 233 -5.74 11.78 31.80
N GLU D 234 -4.98 11.67 32.89
CA GLU D 234 -3.56 11.94 32.88
C GLU D 234 -2.93 11.17 34.03
N TYR D 235 -1.61 11.03 33.96
CA TYR D 235 -0.84 10.29 34.96
C TYR D 235 -0.30 11.24 36.02
N PRO D 236 -0.18 10.82 37.30
CA PRO D 236 -0.52 9.54 37.92
C PRO D 236 -2.02 9.30 38.09
N LEU D 237 -2.42 8.04 38.06
CA LEU D 237 -3.83 7.70 38.16
C LEU D 237 -4.24 7.68 39.62
N THR D 238 -5.28 8.44 39.94
CA THR D 238 -5.69 8.64 41.32
C THR D 238 -7.04 8.01 41.54
N PHE D 239 -7.12 7.12 42.51
CA PHE D 239 -8.39 6.53 42.87
C PHE D 239 -9.13 7.48 43.80
N GLY D 240 -10.40 7.19 44.06
CA GLY D 240 -11.16 7.86 45.08
C GLY D 240 -11.05 7.06 46.35
N ALA D 241 -11.55 7.65 47.43
CA ALA D 241 -11.68 6.91 48.67
C ALA D 241 -12.84 5.93 48.55
N GLY D 242 -12.91 5.00 49.48
CA GLY D 242 -13.89 3.94 49.38
C GLY D 242 -15.28 4.28 49.87
N THR D 243 -16.29 4.01 49.04
CA THR D 243 -17.68 4.12 49.44
C THR D 243 -18.21 2.72 49.73
N LYS D 244 -18.36 2.39 51.00
CA LYS D 244 -18.77 1.06 51.42
C LYS D 244 -20.29 0.93 51.43
N LEU D 245 -20.78 -0.21 50.97
CA LEU D 245 -22.18 -0.57 51.07
C LEU D 245 -22.32 -1.70 52.07
N GLU D 246 -23.25 -1.56 53.01
CA GLU D 246 -23.48 -2.58 54.02
C GLU D 246 -24.97 -2.86 54.10
N LEU D 247 -25.30 -3.93 54.79
CA LEU D 247 -26.69 -4.35 54.93
C LEU D 247 -27.42 -3.46 55.94
N GLU E 2 -39.71 -34.02 -26.02
CA GLU E 2 -40.53 -33.21 -25.13
C GLU E 2 -39.78 -31.96 -24.68
N LEU E 3 -38.45 -32.08 -24.58
CA LEU E 3 -37.64 -30.99 -24.05
C LEU E 3 -37.59 -29.80 -24.99
N ASP E 4 -37.77 -30.05 -26.30
CA ASP E 4 -37.83 -28.95 -27.26
C ASP E 4 -39.16 -28.22 -27.17
N GLN E 5 -40.24 -28.95 -26.88
CA GLN E 5 -41.57 -28.34 -26.89
C GLN E 5 -41.77 -27.45 -25.67
N LEU E 6 -41.22 -27.85 -24.53
CA LEU E 6 -41.40 -27.06 -23.31
C LEU E 6 -40.56 -25.79 -23.35
N ARG E 7 -39.36 -25.85 -23.93
CA ARG E 7 -38.56 -24.64 -24.08
C ARG E 7 -39.09 -23.77 -25.21
N GLN E 8 -39.84 -24.37 -26.14
CA GLN E 8 -40.63 -23.58 -27.07
C GLN E 8 -41.71 -22.80 -26.34
N GLU E 9 -42.28 -23.41 -25.29
CA GLU E 9 -43.25 -22.69 -24.46
C GLU E 9 -42.55 -21.68 -23.57
N ALA E 10 -41.29 -21.94 -23.22
CA ALA E 10 -40.50 -20.98 -22.46
C ALA E 10 -40.14 -19.78 -23.30
N GLU E 11 -40.05 -19.96 -24.63
CA GLU E 11 -39.72 -18.84 -25.51
C GLU E 11 -40.89 -17.87 -25.62
N GLN E 12 -42.12 -18.37 -25.57
CA GLN E 12 -43.27 -17.47 -25.55
C GLN E 12 -43.58 -16.97 -24.14
N LEU E 13 -43.17 -17.73 -23.12
CA LEU E 13 -43.38 -17.27 -21.75
C LEU E 13 -42.42 -16.14 -21.41
N LYS E 14 -41.25 -16.11 -22.08
CA LYS E 14 -40.38 -14.95 -21.98
C LYS E 14 -40.96 -13.77 -22.75
N ASN E 15 -41.73 -14.05 -23.80
CA ASN E 15 -42.34 -12.98 -24.58
C ASN E 15 -43.44 -12.29 -23.79
N GLN E 16 -44.07 -13.00 -22.86
CA GLN E 16 -45.10 -12.40 -22.02
C GLN E 16 -44.49 -11.40 -21.04
N ILE E 17 -43.38 -11.76 -20.40
CA ILE E 17 -42.78 -10.87 -19.41
C ILE E 17 -42.07 -9.71 -20.09
N ARG E 18 -41.70 -9.86 -21.36
CA ARG E 18 -41.12 -8.76 -22.10
C ARG E 18 -42.20 -7.78 -22.53
N ASP E 19 -43.42 -8.28 -22.74
CA ASP E 19 -44.53 -7.41 -23.11
C ASP E 19 -45.10 -6.69 -21.90
N ALA E 20 -45.07 -7.36 -20.73
CA ALA E 20 -45.48 -6.71 -19.49
C ALA E 20 -44.50 -5.61 -19.09
N ARG E 21 -43.21 -5.80 -19.38
CA ARG E 21 -42.26 -4.71 -19.20
C ARG E 21 -42.46 -3.63 -20.26
N LYS E 22 -42.94 -4.01 -21.45
CA LYS E 22 -43.24 -3.03 -22.48
C LYS E 22 -44.51 -2.26 -22.15
N ALA E 23 -45.48 -2.91 -21.49
CA ALA E 23 -46.75 -2.27 -21.18
C ALA E 23 -46.62 -1.26 -20.05
N CYS E 24 -45.61 -1.43 -19.20
CA CYS E 24 -45.50 -0.59 -18.02
C CYS E 24 -44.64 0.65 -18.29
N ALA E 25 -44.13 0.78 -19.52
CA ALA E 25 -43.16 1.82 -19.86
C ALA E 25 -43.94 3.05 -20.33
N ASP E 26 -44.41 3.84 -19.36
CA ASP E 26 -45.17 5.04 -19.69
C ASP E 26 -44.24 6.16 -20.14
N ALA E 27 -43.27 6.52 -19.31
CA ALA E 27 -42.36 7.61 -19.61
C ALA E 27 -40.99 7.29 -19.04
N THR E 28 -39.97 7.83 -19.68
CA THR E 28 -38.59 7.67 -19.26
C THR E 28 -38.37 8.42 -17.94
N LEU E 29 -37.45 7.89 -17.12
CA LEU E 29 -37.00 8.62 -15.94
C LEU E 29 -36.26 9.89 -16.32
N SER E 30 -35.67 9.94 -17.52
CA SER E 30 -34.95 11.13 -17.97
C SER E 30 -35.88 12.30 -18.20
N GLN E 31 -37.07 12.05 -18.76
CA GLN E 31 -37.98 13.14 -19.06
C GLN E 31 -38.89 13.47 -17.88
N ILE E 32 -38.99 12.56 -16.91
CA ILE E 32 -39.65 12.92 -15.65
C ILE E 32 -38.77 13.87 -14.83
N THR E 33 -37.47 13.59 -14.73
CA THR E 33 -36.54 14.43 -13.98
C THR E 33 -35.91 15.52 -14.83
N ASN E 34 -36.58 15.95 -15.88
CA ASN E 34 -36.00 16.93 -16.80
C ASN E 34 -36.08 18.35 -16.26
N ASN E 35 -36.88 18.58 -15.22
CA ASN E 35 -37.11 19.92 -14.71
C ASN E 35 -36.53 20.16 -13.33
N ILE E 36 -36.02 19.14 -12.65
CA ILE E 36 -35.50 19.34 -11.32
C ILE E 36 -34.08 19.89 -11.41
N ASP E 37 -33.63 20.53 -10.33
CA ASP E 37 -32.35 21.22 -10.41
C ASP E 37 -31.20 20.23 -10.31
N PRO E 38 -30.13 20.47 -11.08
CA PRO E 38 -28.95 19.61 -10.98
C PRO E 38 -28.24 19.77 -9.65
N VAL E 39 -27.37 18.80 -9.37
CA VAL E 39 -26.59 18.83 -8.14
C VAL E 39 -25.44 19.82 -8.20
N GLY E 40 -25.10 20.32 -9.38
CA GLY E 40 -24.04 21.28 -9.54
C GLY E 40 -22.72 20.65 -9.95
N ARG E 41 -21.73 20.71 -9.05
CA ARG E 41 -20.43 20.10 -9.32
C ARG E 41 -19.86 19.68 -7.98
N ILE E 42 -19.68 18.37 -7.81
CA ILE E 42 -19.31 17.80 -6.52
C ILE E 42 -17.79 17.71 -6.48
N GLN E 43 -17.14 18.55 -5.68
CA GLN E 43 -15.71 18.51 -5.48
C GLN E 43 -15.40 18.02 -4.07
N MET E 44 -14.66 16.92 -3.98
CA MET E 44 -14.29 16.32 -2.70
C MET E 44 -12.78 16.37 -2.59
N ARG E 45 -12.28 16.47 -1.37
CA ARG E 45 -10.85 16.49 -1.11
C ARG E 45 -10.46 15.30 -0.25
N THR E 46 -9.22 14.85 -0.45
CA THR E 46 -8.71 13.73 0.34
C THR E 46 -8.39 14.20 1.76
N ARG E 47 -9.08 13.61 2.74
CA ARG E 47 -8.85 13.95 4.13
C ARG E 47 -7.74 13.08 4.73
N ARG E 48 -7.85 11.77 4.60
CA ARG E 48 -6.86 10.85 5.12
C ARG E 48 -6.29 10.01 3.99
N THR E 49 -5.08 9.50 4.22
CA THR E 49 -4.48 8.49 3.36
C THR E 49 -3.94 7.40 4.27
N LEU E 50 -4.41 6.18 4.07
CA LEU E 50 -4.16 5.10 5.01
C LEU E 50 -3.07 4.20 4.46
N ARG E 51 -1.86 4.34 4.99
CA ARG E 51 -0.68 3.67 4.48
C ARG E 51 -0.27 2.53 5.40
N GLY E 52 0.17 1.43 4.82
CA GLY E 52 0.56 0.30 5.63
C GLY E 52 0.32 -1.06 5.01
N HIS E 53 -0.37 -1.11 3.88
CA HIS E 53 -0.52 -2.34 3.13
C HIS E 53 0.65 -2.46 2.16
N LEU E 54 1.19 -3.65 2.02
CA LEU E 54 2.35 -3.80 1.15
C LEU E 54 1.94 -4.16 -0.27
N ALA E 55 1.05 -5.14 -0.43
CA ALA E 55 0.54 -5.51 -1.74
C ALA E 55 -0.74 -4.73 -2.05
N LYS E 56 -1.43 -5.10 -3.11
CA LYS E 56 -2.58 -4.34 -3.58
C LYS E 56 -3.85 -4.70 -2.82
N ILE E 57 -4.77 -3.75 -2.73
CA ILE E 57 -5.96 -3.85 -1.89
C ILE E 57 -7.13 -4.31 -2.73
N TYR E 58 -7.83 -5.34 -2.24
CA TYR E 58 -8.92 -5.95 -2.97
C TYR E 58 -10.30 -5.65 -2.43
N ALA E 59 -10.45 -5.42 -1.12
CA ALA E 59 -11.76 -5.12 -0.57
C ALA E 59 -11.61 -4.23 0.66
N MET E 60 -12.62 -3.40 0.89
CA MET E 60 -12.77 -2.70 2.16
C MET E 60 -14.24 -2.64 2.53
N HIS E 61 -14.50 -2.58 3.84
CA HIS E 61 -15.85 -2.45 4.35
C HIS E 61 -15.85 -1.57 5.59
N TRP E 62 -16.82 -0.67 5.67
CA TRP E 62 -16.95 0.23 6.81
C TRP E 62 -17.60 -0.48 7.99
N GLY E 63 -17.35 0.03 9.19
CA GLY E 63 -18.15 -0.36 10.33
C GLY E 63 -19.42 0.46 10.42
N THR E 64 -20.41 -0.07 11.13
CA THR E 64 -21.68 0.63 11.29
C THR E 64 -21.58 1.83 12.22
N ASP E 65 -20.51 1.93 13.00
CA ASP E 65 -20.28 3.11 13.83
C ASP E 65 -19.64 4.25 13.05
N SER E 66 -19.37 4.03 11.76
CA SER E 66 -18.85 4.98 10.77
C SER E 66 -17.46 5.48 11.08
N ARG E 67 -16.68 4.74 11.85
CA ARG E 67 -15.33 5.16 12.22
C ARG E 67 -14.28 4.11 11.90
N LEU E 68 -14.56 2.83 12.17
CA LEU E 68 -13.61 1.78 11.89
C LEU E 68 -13.86 1.17 10.51
N LEU E 69 -12.81 0.64 9.91
CA LEU E 69 -12.95 0.01 8.61
C LEU E 69 -11.91 -1.08 8.47
N VAL E 70 -12.29 -2.18 7.81
CA VAL E 70 -11.37 -3.26 7.50
C VAL E 70 -10.97 -3.10 6.04
N SER E 71 -9.74 -3.43 5.74
CA SER E 71 -9.31 -3.56 4.35
C SER E 71 -8.56 -4.87 4.20
N ALA E 72 -8.70 -5.49 3.04
CA ALA E 72 -8.03 -6.75 2.74
C ALA E 72 -6.98 -6.50 1.68
N SER E 73 -5.88 -7.24 1.76
CA SER E 73 -4.82 -7.10 0.77
C SER E 73 -4.13 -8.43 0.57
N GLN E 74 -3.38 -8.52 -0.53
CA GLN E 74 -2.76 -9.78 -0.88
C GLN E 74 -1.33 -9.91 -0.40
N ASP E 75 -0.94 -9.12 0.60
CA ASP E 75 0.24 -9.41 1.41
C ASP E 75 -0.08 -10.32 2.57
N GLY E 76 -1.34 -10.68 2.74
CA GLY E 76 -1.75 -11.65 3.73
C GLY E 76 -2.24 -11.07 5.02
N LYS E 77 -2.54 -9.77 5.06
CA LYS E 77 -2.95 -9.10 6.29
C LYS E 77 -4.31 -8.47 6.11
N LEU E 78 -5.11 -8.54 7.16
CA LEU E 78 -6.39 -7.87 7.28
C LEU E 78 -6.23 -6.82 8.36
N ILE E 79 -6.43 -5.55 8.01
CA ILE E 79 -6.10 -4.45 8.90
C ILE E 79 -7.35 -3.66 9.22
N ILE E 80 -7.63 -3.48 10.51
CA ILE E 80 -8.71 -2.63 10.99
C ILE E 80 -8.12 -1.26 11.30
N TRP E 81 -8.68 -0.23 10.70
CA TRP E 81 -8.17 1.12 10.82
C TRP E 81 -9.11 1.95 11.69
N ASP E 82 -8.57 2.97 12.33
CA ASP E 82 -9.36 4.03 12.92
C ASP E 82 -9.29 5.21 11.96
N SER E 83 -10.41 5.56 11.33
CA SER E 83 -10.33 6.50 10.23
C SER E 83 -10.12 7.93 10.70
N TYR E 84 -10.46 8.25 11.95
CA TYR E 84 -10.35 9.63 12.40
C TYR E 84 -8.89 9.98 12.68
N THR E 85 -8.10 9.01 13.16
CA THR E 85 -6.73 9.25 13.58
C THR E 85 -5.69 8.49 12.77
N THR E 86 -6.10 7.72 11.76
CA THR E 86 -5.29 6.79 10.96
C THR E 86 -4.57 5.74 11.79
N ASN E 87 -5.09 5.37 12.94
CA ASN E 87 -4.45 4.37 13.77
C ASN E 87 -4.85 2.96 13.35
N LYS E 88 -3.91 2.05 13.39
CA LYS E 88 -4.17 0.64 13.14
C LYS E 88 -4.61 0.00 14.45
N VAL E 89 -5.88 -0.38 14.52
CA VAL E 89 -6.38 -1.03 15.73
C VAL E 89 -5.89 -2.47 15.79
N HIS E 90 -6.10 -3.23 14.72
CA HIS E 90 -5.68 -4.62 14.65
C HIS E 90 -4.99 -4.85 13.31
N ALA E 91 -4.17 -5.90 13.26
CA ALA E 91 -3.64 -6.41 12.00
C ALA E 91 -3.71 -7.93 12.06
N ILE E 92 -4.57 -8.52 11.24
CA ILE E 92 -4.88 -9.94 11.32
C ILE E 92 -4.10 -10.66 10.22
N PRO E 93 -3.14 -11.53 10.55
CA PRO E 93 -2.45 -12.31 9.53
C PRO E 93 -3.31 -13.46 9.03
N LEU E 94 -3.57 -13.49 7.73
CA LEU E 94 -4.43 -14.50 7.13
C LEU E 94 -3.62 -15.75 6.78
N ARG E 95 -4.32 -16.88 6.70
CA ARG E 95 -3.69 -18.13 6.29
C ARG E 95 -3.37 -18.13 4.81
N SER E 96 -4.38 -17.91 3.97
CA SER E 96 -4.17 -17.80 2.54
C SER E 96 -4.20 -16.33 2.16
N SER E 97 -3.16 -15.88 1.47
CA SER E 97 -3.06 -14.47 1.11
C SER E 97 -3.82 -14.12 -0.15
N TRP E 98 -4.54 -15.06 -0.74
CA TRP E 98 -5.32 -14.80 -1.94
C TRP E 98 -6.76 -14.48 -1.54
N VAL E 99 -6.92 -13.28 -1.04
CA VAL E 99 -8.18 -12.84 -0.47
C VAL E 99 -8.83 -11.85 -1.44
N MET E 100 -10.14 -11.98 -1.63
CA MET E 100 -10.85 -11.14 -2.57
C MET E 100 -12.01 -10.38 -1.96
N THR E 101 -12.39 -10.69 -0.72
CA THR E 101 -13.50 -10.00 -0.08
C THR E 101 -13.25 -9.94 1.42
N CYS E 102 -13.93 -9.00 2.06
CA CYS E 102 -13.92 -8.86 3.51
C CYS E 102 -15.20 -8.15 3.94
N ALA E 103 -15.65 -8.45 5.15
CA ALA E 103 -16.87 -7.88 5.68
C ALA E 103 -16.69 -7.54 7.16
N TYR E 104 -17.46 -6.56 7.62
CA TYR E 104 -17.55 -6.20 9.02
C TYR E 104 -18.90 -6.66 9.53
N ALA E 105 -18.95 -7.19 10.74
CA ALA E 105 -20.25 -7.48 11.33
C ALA E 105 -20.92 -6.17 11.75
N PRO E 106 -22.24 -6.06 11.60
CA PRO E 106 -22.92 -4.83 12.07
C PRO E 106 -22.91 -4.66 13.58
N SER E 107 -22.60 -5.70 14.35
CA SER E 107 -22.37 -5.51 15.77
C SER E 107 -21.00 -4.92 16.02
N GLY E 108 -20.01 -5.33 15.22
CA GLY E 108 -18.64 -4.90 15.40
C GLY E 108 -17.75 -5.94 16.02
N ASN E 109 -18.27 -7.13 16.34
CA ASN E 109 -17.49 -8.13 17.04
C ASN E 109 -16.79 -9.09 16.10
N TYR E 110 -17.19 -9.16 14.83
CA TYR E 110 -16.67 -10.13 13.90
C TYR E 110 -16.27 -9.47 12.60
N VAL E 111 -15.34 -10.14 11.91
CA VAL E 111 -14.85 -9.76 10.59
C VAL E 111 -14.68 -11.04 9.79
N ALA E 112 -15.21 -11.05 8.57
CA ALA E 112 -15.09 -12.18 7.67
C ALA E 112 -14.17 -11.85 6.52
N CYS E 113 -13.59 -12.86 5.88
CA CYS E 113 -12.81 -12.68 4.66
C CYS E 113 -12.78 -13.99 3.89
N GLY E 114 -12.51 -13.91 2.59
CA GLY E 114 -12.38 -15.10 1.78
C GLY E 114 -11.85 -14.78 0.40
N GLY E 115 -11.49 -15.84 -0.31
CA GLY E 115 -10.93 -15.68 -1.64
C GLY E 115 -10.67 -16.99 -2.35
N LEU E 116 -9.47 -17.16 -2.92
CA LEU E 116 -9.15 -18.29 -3.78
C LEU E 116 -9.02 -19.62 -3.06
N ASP E 117 -9.15 -19.66 -1.74
CA ASP E 117 -9.12 -20.90 -0.99
C ASP E 117 -10.51 -21.53 -0.81
N ASN E 118 -11.55 -20.90 -1.36
CA ASN E 118 -12.96 -21.34 -1.30
C ASN E 118 -13.48 -21.44 0.13
N ILE E 119 -13.04 -20.56 1.02
CA ILE E 119 -13.37 -20.61 2.44
C ILE E 119 -13.71 -19.21 2.89
N CYS E 120 -14.79 -19.06 3.66
CA CYS E 120 -15.10 -17.83 4.39
C CYS E 120 -14.71 -18.02 5.84
N SER E 121 -13.67 -17.33 6.28
CA SER E 121 -13.18 -17.41 7.65
C SER E 121 -13.77 -16.28 8.48
N ILE E 122 -14.28 -16.61 9.66
CA ILE E 122 -14.87 -15.64 10.57
C ILE E 122 -13.87 -15.41 11.70
N TYR E 123 -13.52 -14.16 11.95
CA TYR E 123 -12.57 -13.79 12.97
C TYR E 123 -13.28 -13.10 14.12
N ASN E 124 -12.97 -13.52 15.35
CA ASN E 124 -13.52 -12.92 16.54
C ASN E 124 -12.63 -11.79 17.02
N LEU E 125 -13.21 -10.61 17.24
CA LEU E 125 -12.43 -9.45 17.64
C LEU E 125 -12.44 -9.18 19.15
N LYS E 126 -13.47 -9.61 19.87
CA LYS E 126 -13.58 -9.42 21.31
C LYS E 126 -13.37 -10.77 21.99
N THR E 127 -12.12 -11.08 22.31
CA THR E 127 -11.74 -12.46 22.56
C THR E 127 -11.74 -12.85 24.04
N ARG E 128 -11.37 -11.94 24.94
CA ARG E 128 -11.03 -12.04 26.36
C ARG E 128 -9.62 -12.61 26.55
N GLU E 129 -8.92 -13.00 25.49
CA GLU E 129 -7.50 -13.30 25.57
C GLU E 129 -6.64 -12.20 24.95
N GLY E 130 -7.25 -11.24 24.26
CA GLY E 130 -6.55 -10.08 23.77
C GLY E 130 -6.12 -10.15 22.32
N ASN E 131 -6.18 -11.32 21.69
CA ASN E 131 -5.73 -11.50 20.31
C ASN E 131 -6.92 -11.83 19.43
N VAL E 132 -6.83 -11.44 18.16
CA VAL E 132 -7.86 -11.81 17.21
C VAL E 132 -7.60 -13.22 16.72
N ARG E 133 -8.62 -14.07 16.78
CA ARG E 133 -8.48 -15.47 16.38
C ARG E 133 -9.65 -15.88 15.51
N VAL E 134 -9.47 -17.02 14.83
CA VAL E 134 -10.48 -17.53 13.90
C VAL E 134 -11.54 -18.27 14.70
N SER E 135 -12.79 -17.86 14.56
CA SER E 135 -13.86 -18.54 15.27
C SER E 135 -14.47 -19.66 14.44
N ARG E 136 -14.58 -19.49 13.13
CA ARG E 136 -15.07 -20.52 12.23
C ARG E 136 -14.57 -20.22 10.83
N GLU E 137 -14.33 -21.28 10.07
CA GLU E 137 -14.02 -21.20 8.64
C GLU E 137 -15.02 -22.05 7.89
N LEU E 138 -15.89 -21.40 7.11
CA LEU E 138 -17.03 -22.03 6.47
C LEU E 138 -16.62 -22.61 5.12
N ALA E 139 -16.64 -23.93 4.98
CA ALA E 139 -16.08 -24.63 3.82
C ALA E 139 -17.13 -25.50 3.15
N GLY E 140 -17.84 -24.95 2.17
CA GLY E 140 -18.74 -25.74 1.36
C GLY E 140 -18.85 -25.31 -0.08
N HIS E 141 -18.13 -24.26 -0.46
CA HIS E 141 -18.18 -23.74 -1.83
C HIS E 141 -17.15 -24.45 -2.69
N THR E 142 -17.40 -24.47 -3.99
CA THR E 142 -16.55 -25.17 -4.95
C THR E 142 -15.73 -24.20 -5.80
N GLY E 143 -16.12 -22.93 -5.86
CA GLY E 143 -15.34 -21.91 -6.53
C GLY E 143 -14.88 -20.87 -5.52
N TYR E 144 -14.14 -19.89 -6.04
CA TYR E 144 -13.56 -18.85 -5.21
C TYR E 144 -14.65 -17.99 -4.59
N LEU E 145 -14.38 -17.46 -3.40
CA LEU E 145 -15.34 -16.63 -2.71
C LEU E 145 -15.23 -15.21 -3.24
N SER E 146 -16.34 -14.68 -3.73
CA SER E 146 -16.32 -13.39 -4.39
C SER E 146 -16.88 -12.27 -3.53
N CYS E 147 -17.77 -12.57 -2.60
CA CYS E 147 -18.35 -11.58 -1.71
C CYS E 147 -18.94 -12.32 -0.52
N CYS E 148 -19.03 -11.61 0.60
CA CYS E 148 -19.64 -12.12 1.82
C CYS E 148 -20.20 -10.94 2.59
N ARG E 149 -21.38 -11.11 3.15
CA ARG E 149 -22.04 -10.04 3.89
C ARG E 149 -22.75 -10.64 5.10
N PHE E 150 -22.65 -9.96 6.24
CA PHE E 150 -23.27 -10.41 7.47
C PHE E 150 -24.73 -9.97 7.50
N LEU E 151 -25.61 -10.88 7.91
CA LEU E 151 -26.98 -10.49 8.27
C LEU E 151 -27.08 -10.12 9.74
N ASP E 152 -26.54 -10.96 10.61
CA ASP E 152 -26.32 -10.65 12.02
C ASP E 152 -25.05 -11.40 12.43
N ASP E 153 -24.85 -11.60 13.73
CA ASP E 153 -23.65 -12.32 14.15
C ASP E 153 -23.75 -13.82 13.98
N ASN E 154 -24.87 -14.35 13.48
CA ASN E 154 -25.02 -15.80 13.34
C ASN E 154 -25.34 -16.22 11.91
N GLN E 155 -25.54 -15.27 10.99
CA GLN E 155 -25.86 -15.60 9.61
C GLN E 155 -25.05 -14.75 8.66
N ILE E 156 -24.46 -15.37 7.66
CA ILE E 156 -23.69 -14.69 6.64
C ILE E 156 -24.08 -15.24 5.29
N VAL E 157 -24.21 -14.37 4.29
CA VAL E 157 -24.49 -14.75 2.92
C VAL E 157 -23.20 -14.61 2.12
N THR E 158 -22.77 -15.67 1.46
CA THR E 158 -21.57 -15.63 0.65
C THR E 158 -21.90 -15.87 -0.81
N SER E 159 -21.24 -15.11 -1.67
CA SER E 159 -21.25 -15.29 -3.11
C SER E 159 -20.04 -16.12 -3.51
N SER E 160 -20.15 -16.85 -4.61
CA SER E 160 -19.02 -17.64 -5.05
C SER E 160 -18.97 -17.72 -6.57
N GLY E 161 -17.82 -18.14 -7.06
CA GLY E 161 -17.58 -18.30 -8.46
C GLY E 161 -17.99 -19.63 -9.04
N ASP E 162 -18.64 -20.48 -8.25
CA ASP E 162 -19.23 -21.71 -8.74
C ASP E 162 -20.71 -21.55 -9.07
N THR E 163 -21.11 -20.33 -9.45
CA THR E 163 -22.47 -19.96 -9.86
C THR E 163 -23.50 -20.22 -8.75
N THR E 164 -23.15 -19.85 -7.52
CA THR E 164 -23.99 -20.19 -6.38
C THR E 164 -23.75 -19.22 -5.23
N CYS E 165 -24.82 -18.63 -4.72
CA CYS E 165 -24.82 -17.94 -3.44
C CYS E 165 -25.37 -18.86 -2.35
N ALA E 166 -24.92 -18.64 -1.12
CA ALA E 166 -25.22 -19.54 -0.02
C ALA E 166 -25.48 -18.76 1.25
N LEU E 167 -26.38 -19.26 2.08
CA LEU E 167 -26.66 -18.69 3.39
C LEU E 167 -26.15 -19.65 4.46
N TRP E 168 -25.32 -19.14 5.35
CA TRP E 168 -24.65 -19.98 6.34
C TRP E 168 -25.20 -19.74 7.73
N ASP E 169 -24.87 -20.66 8.62
CA ASP E 169 -25.17 -20.55 10.03
C ASP E 169 -23.83 -20.62 10.77
N ILE E 170 -23.39 -19.50 11.34
CA ILE E 170 -22.03 -19.45 11.88
C ILE E 170 -21.92 -20.25 13.18
N GLU E 171 -23.03 -20.50 13.86
CA GLU E 171 -22.98 -21.31 15.08
C GLU E 171 -22.64 -22.76 14.76
N THR E 172 -23.31 -23.34 13.77
CA THR E 172 -23.09 -24.75 13.43
C THR E 172 -22.14 -24.94 12.27
N GLY E 173 -21.92 -23.91 11.45
CA GLY E 173 -20.94 -24.00 10.37
C GLY E 173 -21.40 -24.76 9.15
N GLN E 174 -22.67 -24.67 8.80
CA GLN E 174 -23.22 -25.40 7.68
C GLN E 174 -24.12 -24.49 6.87
N GLN E 175 -24.33 -24.84 5.61
CA GLN E 175 -25.24 -24.07 4.76
C GLN E 175 -26.67 -24.29 5.21
N THR E 176 -27.43 -23.21 5.24
CA THR E 176 -28.86 -23.25 5.56
C THR E 176 -29.73 -23.18 4.32
N THR E 177 -29.39 -22.32 3.37
CA THR E 177 -30.17 -22.14 2.16
C THR E 177 -29.20 -21.92 1.01
N THR E 178 -29.41 -22.65 -0.08
CA THR E 178 -28.56 -22.55 -1.25
C THR E 178 -29.35 -21.85 -2.34
N PHE E 179 -28.72 -20.89 -2.99
CA PHE E 179 -29.35 -20.06 -4.01
C PHE E 179 -28.69 -20.38 -5.34
N THR E 180 -29.38 -21.14 -6.18
CA THR E 180 -28.85 -21.53 -7.48
C THR E 180 -29.68 -20.91 -8.59
N GLY E 181 -29.07 -20.76 -9.76
CA GLY E 181 -29.79 -20.24 -10.90
C GLY E 181 -28.99 -19.38 -11.85
N HIS E 182 -27.85 -18.85 -11.40
CA HIS E 182 -26.95 -18.15 -12.29
C HIS E 182 -26.17 -19.14 -13.12
N THR E 183 -25.84 -18.78 -14.35
CA THR E 183 -25.06 -19.68 -15.18
C THR E 183 -23.58 -19.31 -15.16
N GLY E 184 -23.27 -18.04 -14.93
CA GLY E 184 -21.91 -17.59 -14.76
C GLY E 184 -21.56 -17.38 -13.30
N ASP E 185 -20.30 -17.03 -13.08
CA ASP E 185 -19.78 -16.79 -11.74
C ASP E 185 -20.42 -15.57 -11.12
N VAL E 186 -20.90 -15.70 -9.89
CA VAL E 186 -21.51 -14.58 -9.17
C VAL E 186 -20.36 -13.72 -8.64
N MET E 187 -20.34 -12.47 -9.05
CA MET E 187 -19.20 -11.62 -8.74
C MET E 187 -19.45 -10.65 -7.59
N SER E 188 -20.70 -10.42 -7.22
CA SER E 188 -21.01 -9.46 -6.16
C SER E 188 -22.41 -9.74 -5.63
N LEU E 189 -22.68 -9.21 -4.44
CA LEU E 189 -24.02 -9.20 -3.89
C LEU E 189 -24.19 -7.97 -3.00
N SER E 190 -25.45 -7.61 -2.78
CA SER E 190 -25.79 -6.47 -1.93
C SER E 190 -27.07 -6.80 -1.16
N LEU E 191 -27.06 -6.53 0.13
CA LEU E 191 -28.20 -6.80 0.99
C LEU E 191 -29.19 -5.64 0.96
N ALA E 192 -30.47 -5.98 1.09
CA ALA E 192 -31.49 -4.97 1.31
C ALA E 192 -31.32 -4.35 2.69
N PRO E 193 -31.75 -3.10 2.88
CA PRO E 193 -31.66 -2.48 4.21
C PRO E 193 -32.38 -3.23 5.32
N ASP E 194 -33.53 -3.84 5.06
CA ASP E 194 -34.19 -4.66 6.05
C ASP E 194 -33.66 -6.08 6.11
N THR E 195 -32.73 -6.43 5.20
CA THR E 195 -32.07 -7.73 5.08
C THR E 195 -33.07 -8.88 4.94
N ARG E 196 -34.09 -8.70 4.11
CA ARG E 196 -34.99 -9.78 3.75
C ARG E 196 -34.79 -10.23 2.31
N LEU E 197 -34.25 -9.35 1.46
CA LEU E 197 -33.90 -9.66 0.09
C LEU E 197 -32.42 -9.35 -0.13
N PHE E 198 -31.87 -9.87 -1.21
CA PHE E 198 -30.57 -9.43 -1.69
C PHE E 198 -30.50 -9.65 -3.20
N VAL E 199 -29.73 -8.78 -3.86
CA VAL E 199 -29.48 -8.90 -5.29
C VAL E 199 -28.07 -9.43 -5.49
N SER E 200 -27.86 -10.13 -6.60
CA SER E 200 -26.55 -10.65 -6.95
C SER E 200 -26.37 -10.57 -8.45
N GLY E 201 -25.23 -10.01 -8.87
CA GLY E 201 -24.91 -9.88 -10.27
C GLY E 201 -23.79 -10.82 -10.65
N ALA E 202 -23.87 -11.38 -11.84
CA ALA E 202 -22.98 -12.47 -12.24
C ALA E 202 -22.33 -12.22 -13.59
N CYS E 203 -21.53 -13.18 -14.01
CA CYS E 203 -20.78 -13.08 -15.27
C CYS E 203 -21.61 -13.37 -16.50
N ASP E 204 -22.84 -13.86 -16.35
CA ASP E 204 -23.72 -14.01 -17.50
C ASP E 204 -24.55 -12.76 -17.78
N ALA E 205 -24.07 -11.59 -17.32
CA ALA E 205 -24.71 -10.28 -17.51
C ALA E 205 -26.11 -10.22 -16.92
N SER E 206 -26.32 -10.91 -15.80
CA SER E 206 -27.64 -11.05 -15.22
C SER E 206 -27.61 -10.61 -13.77
N ALA E 207 -28.69 -9.99 -13.32
CA ALA E 207 -28.92 -9.68 -11.92
C ALA E 207 -30.15 -10.43 -11.44
N LYS E 208 -30.10 -10.92 -10.22
CA LYS E 208 -31.16 -11.75 -9.68
C LYS E 208 -31.54 -11.28 -8.29
N LEU E 209 -32.84 -11.12 -8.06
CA LEU E 209 -33.37 -10.74 -6.76
C LEU E 209 -33.83 -11.98 -6.02
N TRP E 210 -33.24 -12.23 -4.86
CA TRP E 210 -33.46 -13.43 -4.07
C TRP E 210 -34.37 -13.15 -2.90
N ASP E 211 -34.64 -14.20 -2.12
CA ASP E 211 -35.50 -14.12 -0.95
C ASP E 211 -34.84 -14.97 0.12
N VAL E 212 -34.57 -14.39 1.29
CA VAL E 212 -33.64 -15.04 2.21
C VAL E 212 -34.32 -16.19 2.96
N ARG E 213 -35.49 -15.96 3.57
CA ARG E 213 -36.09 -17.06 4.32
C ARG E 213 -36.79 -18.05 3.40
N GLU E 214 -37.13 -17.63 2.18
CA GLU E 214 -37.75 -18.54 1.23
C GLU E 214 -36.69 -19.35 0.49
N GLY E 215 -35.80 -18.69 -0.21
CA GLY E 215 -34.74 -19.32 -0.94
C GLY E 215 -34.90 -19.34 -2.44
N MET E 216 -35.83 -18.55 -2.97
CA MET E 216 -36.16 -18.58 -4.39
C MET E 216 -35.72 -17.30 -5.07
N CYS E 217 -35.67 -17.35 -6.40
CA CYS E 217 -35.38 -16.19 -7.22
C CYS E 217 -36.71 -15.52 -7.56
N ARG E 218 -36.83 -14.25 -7.22
CA ARG E 218 -38.08 -13.54 -7.46
C ARG E 218 -38.10 -12.78 -8.78
N GLN E 219 -36.98 -12.20 -9.19
CA GLN E 219 -36.91 -11.42 -10.42
C GLN E 219 -35.55 -11.61 -11.05
N THR E 220 -35.50 -11.42 -12.36
CA THR E 220 -34.25 -11.46 -13.12
C THR E 220 -34.19 -10.23 -14.01
N PHE E 221 -33.08 -9.50 -13.93
CA PHE E 221 -32.91 -8.25 -14.66
C PHE E 221 -31.77 -8.41 -15.64
N THR E 222 -32.03 -8.21 -16.92
CA THR E 222 -31.05 -8.48 -17.98
C THR E 222 -30.96 -7.27 -18.89
N GLY E 223 -29.96 -6.41 -18.66
CA GLY E 223 -29.70 -5.33 -19.57
C GLY E 223 -28.27 -5.18 -20.02
N HIS E 224 -27.33 -5.69 -19.24
CA HIS E 224 -25.92 -5.47 -19.51
C HIS E 224 -25.45 -6.37 -20.64
N GLU E 225 -24.34 -5.98 -21.26
CA GLU E 225 -23.74 -6.77 -22.33
C GLU E 225 -22.47 -7.49 -21.90
N SER E 226 -21.94 -7.20 -20.71
CA SER E 226 -20.76 -7.90 -20.25
C SER E 226 -20.87 -8.23 -18.77
N ASP E 227 -19.76 -8.64 -18.17
CA ASP E 227 -19.76 -9.20 -16.83
C ASP E 227 -20.04 -8.14 -15.78
N ILE E 228 -20.97 -8.43 -14.88
CA ILE E 228 -21.34 -7.53 -13.78
C ILE E 228 -20.34 -7.72 -12.64
N ASN E 229 -19.67 -6.65 -12.23
CA ASN E 229 -18.68 -6.72 -11.17
C ASN E 229 -19.14 -6.10 -9.86
N ALA E 230 -20.17 -5.25 -9.91
CA ALA E 230 -20.49 -4.38 -8.80
C ALA E 230 -21.99 -4.21 -8.72
N ILE E 231 -22.53 -4.20 -7.51
CA ILE E 231 -23.96 -4.03 -7.29
C ILE E 231 -24.17 -3.36 -5.94
N CYS E 232 -25.26 -2.61 -5.81
CA CYS E 232 -25.57 -1.83 -4.63
C CYS E 232 -27.03 -1.48 -4.63
N PHE E 233 -27.69 -1.62 -3.48
CA PHE E 233 -29.10 -1.26 -3.32
C PHE E 233 -29.27 0.24 -3.13
N PHE E 234 -30.39 0.76 -3.62
CA PHE E 234 -30.83 2.10 -3.27
C PHE E 234 -31.17 2.15 -1.78
N PRO E 235 -31.05 3.32 -1.14
CA PRO E 235 -31.29 3.40 0.31
C PRO E 235 -32.68 3.04 0.82
N ASN E 236 -33.73 3.15 0.01
CA ASN E 236 -35.03 2.72 0.50
C ASN E 236 -35.35 1.28 0.15
N GLY E 237 -34.48 0.61 -0.61
CA GLY E 237 -34.65 -0.80 -0.90
C GLY E 237 -35.54 -1.12 -2.07
N ASN E 238 -35.80 -0.17 -2.95
CA ASN E 238 -36.74 -0.35 -4.04
C ASN E 238 -36.09 -0.18 -5.41
N ALA E 239 -34.77 -0.18 -5.45
CA ALA E 239 -34.00 -0.01 -6.68
C ALA E 239 -32.57 -0.45 -6.37
N PHE E 240 -31.81 -0.70 -7.42
CA PHE E 240 -30.40 -1.04 -7.24
C PHE E 240 -29.62 -0.61 -8.47
N ALA E 241 -28.31 -0.48 -8.30
CA ALA E 241 -27.43 -0.06 -9.37
C ALA E 241 -26.40 -1.13 -9.64
N THR E 242 -25.98 -1.21 -10.89
CA THR E 242 -25.23 -2.35 -11.37
C THR E 242 -24.14 -1.87 -12.33
N GLY E 243 -22.90 -2.20 -12.03
CA GLY E 243 -21.79 -1.78 -12.87
C GLY E 243 -21.08 -2.94 -13.52
N SER E 244 -20.80 -2.81 -14.81
CA SER E 244 -20.26 -3.94 -15.55
C SER E 244 -19.04 -3.61 -16.38
N ASP E 245 -18.49 -4.61 -17.08
CA ASP E 245 -17.27 -4.46 -17.86
C ASP E 245 -17.46 -3.70 -19.16
N ASP E 246 -18.69 -3.44 -19.59
CA ASP E 246 -18.91 -2.64 -20.78
C ASP E 246 -18.94 -1.15 -20.49
N ALA E 247 -18.39 -0.72 -19.35
CA ALA E 247 -18.25 0.68 -18.95
C ALA E 247 -19.61 1.37 -18.82
N THR E 248 -20.52 0.73 -18.10
CA THR E 248 -21.87 1.23 -17.98
C THR E 248 -22.41 0.87 -16.61
N CYS E 249 -23.09 1.82 -15.98
CA CYS E 249 -23.93 1.57 -14.82
C CYS E 249 -25.38 1.67 -15.23
N ARG E 250 -26.24 0.94 -14.53
CA ARG E 250 -27.67 0.97 -14.83
C ARG E 250 -28.46 0.95 -13.53
N LEU E 251 -29.58 1.66 -13.51
CA LEU E 251 -30.47 1.67 -12.36
C LEU E 251 -31.72 0.86 -12.70
N PHE E 252 -31.90 -0.26 -12.01
CA PHE E 252 -33.10 -1.08 -12.12
C PHE E 252 -33.98 -0.80 -10.93
N ASP E 253 -35.27 -1.11 -11.04
CA ASP E 253 -36.19 -0.94 -9.92
C ASP E 253 -37.05 -2.17 -9.75
N LEU E 254 -37.29 -2.55 -8.50
CA LEU E 254 -37.86 -3.86 -8.20
C LEU E 254 -39.36 -3.89 -8.38
N ARG E 255 -40.00 -2.74 -8.52
CA ARG E 255 -41.46 -2.72 -8.63
C ARG E 255 -41.94 -2.64 -10.07
N ALA E 256 -41.27 -1.89 -10.94
CA ALA E 256 -41.63 -1.83 -12.35
C ALA E 256 -40.90 -2.87 -13.19
N ASP E 257 -39.89 -3.54 -12.61
CA ASP E 257 -39.23 -4.72 -13.17
C ASP E 257 -38.56 -4.42 -14.51
N GLN E 258 -37.79 -3.33 -14.54
CA GLN E 258 -37.00 -3.00 -15.72
C GLN E 258 -35.88 -2.08 -15.29
N GLU E 259 -35.17 -1.53 -16.26
CA GLU E 259 -34.15 -0.53 -15.97
C GLU E 259 -34.73 0.86 -16.15
N LEU E 260 -34.19 1.81 -15.39
CA LEU E 260 -34.69 3.18 -15.37
C LEU E 260 -33.75 4.13 -16.10
N MET E 261 -32.48 4.17 -15.71
CA MET E 261 -31.55 5.11 -16.29
C MET E 261 -30.25 4.35 -16.58
N THR E 262 -29.44 4.91 -17.46
CA THR E 262 -28.17 4.34 -17.89
C THR E 262 -27.09 5.41 -17.74
N TYR E 263 -26.00 5.05 -17.09
CA TYR E 263 -24.94 5.99 -16.75
C TYR E 263 -23.70 5.62 -17.56
N SER E 264 -23.49 6.29 -18.68
CA SER E 264 -22.37 5.98 -19.53
C SER E 264 -21.88 7.24 -20.21
N HIS E 265 -20.61 7.24 -20.56
CA HIS E 265 -19.97 8.33 -21.28
C HIS E 265 -19.10 7.75 -22.38
N ASP E 266 -18.93 8.50 -23.46
CA ASP E 266 -18.21 7.96 -24.61
C ASP E 266 -16.69 8.00 -24.39
N ASN E 267 -16.21 8.87 -23.49
CA ASN E 267 -14.81 8.83 -23.10
C ASN E 267 -14.48 7.63 -22.22
N ILE E 268 -15.49 7.03 -21.60
CA ILE E 268 -15.29 5.94 -20.65
C ILE E 268 -15.30 4.63 -21.41
N ILE E 269 -14.19 3.92 -21.41
CA ILE E 269 -14.05 2.67 -22.15
C ILE E 269 -13.69 1.49 -21.26
N CYS E 270 -13.35 1.70 -20.00
CA CYS E 270 -12.94 0.63 -19.11
C CYS E 270 -14.06 0.32 -18.10
N GLY E 271 -14.02 -0.89 -17.55
CA GLY E 271 -15.13 -1.38 -16.76
C GLY E 271 -15.20 -0.81 -15.35
N ILE E 272 -16.39 -0.87 -14.77
CA ILE E 272 -16.63 -0.46 -13.40
C ILE E 272 -16.23 -1.59 -12.46
N THR E 273 -15.43 -1.26 -11.45
CA THR E 273 -15.10 -2.21 -10.38
C THR E 273 -16.00 -2.11 -9.16
N SER E 274 -16.56 -0.93 -8.88
CA SER E 274 -17.28 -0.70 -7.63
C SER E 274 -18.35 0.35 -7.87
N VAL E 275 -19.49 0.20 -7.18
CA VAL E 275 -20.49 1.25 -7.11
C VAL E 275 -20.98 1.36 -5.68
N SER E 276 -21.42 2.56 -5.29
CA SER E 276 -22.15 2.76 -4.04
C SER E 276 -23.02 3.99 -4.18
N PHE E 277 -23.95 4.14 -3.24
CA PHE E 277 -24.90 5.25 -3.24
C PHE E 277 -24.64 6.15 -2.04
N SER E 278 -24.88 7.45 -2.23
CA SER E 278 -24.86 8.36 -1.11
C SER E 278 -26.15 8.22 -0.30
N LYS E 279 -26.20 8.91 0.84
CA LYS E 279 -27.18 8.61 1.88
C LYS E 279 -28.61 8.94 1.47
N SER E 280 -28.79 9.91 0.58
CA SER E 280 -30.11 10.16 0.02
C SER E 280 -30.36 9.38 -1.25
N GLY E 281 -29.32 8.80 -1.86
CA GLY E 281 -29.45 8.19 -3.16
C GLY E 281 -29.46 9.15 -4.31
N ARG E 282 -28.93 10.36 -4.14
CA ARG E 282 -28.87 11.32 -5.22
C ARG E 282 -27.58 11.25 -5.99
N LEU E 283 -26.51 10.75 -5.38
CA LEU E 283 -25.24 10.56 -6.05
C LEU E 283 -24.94 9.07 -6.12
N LEU E 284 -24.27 8.67 -7.21
CA LEU E 284 -23.84 7.30 -7.40
C LEU E 284 -22.36 7.33 -7.71
N LEU E 285 -21.54 6.89 -6.77
CA LEU E 285 -20.11 6.86 -6.91
C LEU E 285 -19.71 5.54 -7.56
N ALA E 286 -18.86 5.60 -8.57
CA ALA E 286 -18.48 4.43 -9.33
C ALA E 286 -16.96 4.40 -9.53
N GLY E 287 -16.32 3.31 -9.14
CA GLY E 287 -14.89 3.17 -9.32
C GLY E 287 -14.56 2.47 -10.63
N TYR E 288 -13.51 2.93 -11.30
CA TYR E 288 -13.20 2.52 -12.67
C TYR E 288 -11.80 1.98 -12.78
N ASP E 289 -11.50 1.42 -13.96
CA ASP E 289 -10.14 1.00 -14.31
C ASP E 289 -9.32 2.11 -14.96
N ASP E 290 -9.90 3.28 -15.22
CA ASP E 290 -9.13 4.44 -15.64
C ASP E 290 -8.54 5.20 -14.47
N PHE E 291 -8.42 4.53 -13.33
CA PHE E 291 -7.68 4.84 -12.12
C PHE E 291 -8.42 5.82 -11.23
N ASN E 292 -9.61 6.30 -11.60
CA ASN E 292 -10.30 7.29 -10.80
C ASN E 292 -11.77 6.91 -10.65
N CYS E 293 -12.46 7.63 -9.77
CA CYS E 293 -13.87 7.41 -9.48
C CYS E 293 -14.68 8.57 -10.05
N ASN E 294 -15.88 8.29 -10.51
CA ASN E 294 -16.78 9.32 -10.99
C ASN E 294 -18.02 9.39 -10.12
N VAL E 295 -18.52 10.59 -9.89
CA VAL E 295 -19.77 10.82 -9.20
C VAL E 295 -20.83 11.09 -10.25
N TRP E 296 -21.91 10.34 -10.21
CA TRP E 296 -23.00 10.48 -11.16
C TRP E 296 -24.20 11.05 -10.43
N ASP E 297 -24.88 12.00 -11.05
CA ASP E 297 -26.21 12.39 -10.60
C ASP E 297 -27.12 11.21 -10.85
N ALA E 298 -27.58 10.56 -9.79
CA ALA E 298 -28.34 9.32 -9.95
C ALA E 298 -29.73 9.53 -10.51
N LEU E 299 -30.25 10.76 -10.51
CA LEU E 299 -31.58 11.01 -11.02
C LEU E 299 -31.61 11.65 -12.40
N LYS E 300 -30.52 12.24 -12.85
CA LYS E 300 -30.50 12.89 -14.15
C LYS E 300 -29.43 12.36 -15.08
N ALA E 301 -28.55 11.49 -14.59
CA ALA E 301 -27.44 10.82 -15.26
C ALA E 301 -26.32 11.76 -15.68
N ASP E 302 -26.26 12.98 -15.17
CA ASP E 302 -25.11 13.83 -15.39
C ASP E 302 -23.91 13.28 -14.62
N ARG E 303 -22.72 13.63 -15.06
CA ARG E 303 -21.52 13.29 -14.33
C ARG E 303 -21.03 14.54 -13.62
N ALA E 304 -21.13 14.54 -12.30
CA ALA E 304 -20.84 15.72 -11.50
C ALA E 304 -19.73 15.38 -10.54
N GLY E 305 -18.49 15.46 -11.00
CA GLY E 305 -17.37 15.25 -10.12
C GLY E 305 -16.54 14.03 -10.42
N VAL E 306 -15.24 14.12 -10.12
CA VAL E 306 -14.29 13.02 -10.24
C VAL E 306 -13.55 12.92 -8.92
N LEU E 307 -13.16 11.71 -8.52
CA LEU E 307 -12.25 11.52 -7.41
C LEU E 307 -10.97 10.89 -7.95
N ALA E 308 -10.04 11.73 -8.36
CA ALA E 308 -8.81 11.29 -9.02
C ALA E 308 -7.63 11.49 -8.08
N GLY E 309 -7.20 10.42 -7.43
CA GLY E 309 -6.03 10.49 -6.60
C GLY E 309 -5.20 9.23 -6.55
N HIS E 310 -5.54 8.24 -7.37
CA HIS E 310 -4.92 6.92 -7.26
C HIS E 310 -4.05 6.62 -8.47
N ASP E 311 -2.91 6.00 -8.22
CA ASP E 311 -1.94 5.65 -9.24
C ASP E 311 -2.26 4.34 -9.95
N ASN E 312 -3.26 3.59 -9.46
CA ASN E 312 -3.62 2.33 -10.07
C ASN E 312 -5.13 2.19 -10.09
N ARG E 313 -5.61 1.00 -10.40
CA ARG E 313 -7.04 0.76 -10.56
C ARG E 313 -7.76 0.83 -9.21
N VAL E 314 -8.89 1.53 -9.19
CA VAL E 314 -9.71 1.64 -7.99
C VAL E 314 -10.49 0.35 -7.84
N SER E 315 -10.13 -0.44 -6.84
CA SER E 315 -10.70 -1.77 -6.68
C SER E 315 -11.91 -1.82 -5.76
N CYS E 316 -11.98 -0.95 -4.75
CA CYS E 316 -13.06 -0.98 -3.77
C CYS E 316 -13.44 0.44 -3.42
N LEU E 317 -14.55 0.57 -2.70
CA LEU E 317 -15.26 1.83 -2.55
C LEU E 317 -16.33 1.63 -1.48
N GLY E 318 -16.66 2.71 -0.78
CA GLY E 318 -17.63 2.60 0.29
C GLY E 318 -18.05 3.93 0.86
N VAL E 319 -19.31 4.03 1.29
CA VAL E 319 -19.84 5.23 1.94
C VAL E 319 -20.29 4.86 3.35
N THR E 320 -20.01 5.72 4.32
CA THR E 320 -20.38 5.48 5.70
C THR E 320 -21.90 5.50 5.88
N ASP E 321 -22.34 5.05 7.06
CA ASP E 321 -23.77 5.00 7.35
C ASP E 321 -24.34 6.38 7.68
N ASP E 322 -23.54 7.27 8.26
CA ASP E 322 -24.03 8.63 8.46
C ASP E 322 -23.83 9.48 7.21
N GLY E 323 -23.02 9.01 6.27
CA GLY E 323 -22.88 9.68 4.99
C GLY E 323 -21.79 10.72 4.92
N MET E 324 -20.81 10.67 5.82
CA MET E 324 -19.81 11.73 5.89
C MET E 324 -18.67 11.48 4.92
N ALA E 325 -18.08 10.30 4.94
CA ALA E 325 -16.88 10.03 4.17
C ALA E 325 -17.11 8.97 3.11
N VAL E 326 -16.26 9.00 2.10
CA VAL E 326 -16.13 7.97 1.09
C VAL E 326 -14.71 7.44 1.18
N ALA E 327 -14.55 6.14 1.35
CA ALA E 327 -13.24 5.54 1.31
C ALA E 327 -13.07 4.74 0.03
N THR E 328 -12.00 5.02 -0.71
CA THR E 328 -11.64 4.27 -1.91
C THR E 328 -10.31 3.61 -1.69
N GLY E 329 -10.26 2.30 -1.84
CA GLY E 329 -9.01 1.57 -1.90
C GLY E 329 -8.65 1.27 -3.34
N SER E 330 -7.43 0.80 -3.54
CA SER E 330 -6.94 0.67 -4.89
C SER E 330 -5.78 -0.30 -4.96
N TRP E 331 -5.35 -0.56 -6.19
CA TRP E 331 -4.25 -1.47 -6.48
C TRP E 331 -2.89 -0.84 -6.22
N ASP E 332 -2.81 0.45 -5.97
CA ASP E 332 -1.55 1.07 -5.57
C ASP E 332 -1.32 1.04 -4.07
N SER E 333 -2.09 0.21 -3.35
CA SER E 333 -1.89 -0.19 -1.95
C SER E 333 -2.19 0.91 -0.94
N PHE E 334 -3.05 1.87 -1.30
CA PHE E 334 -3.44 2.92 -0.37
C PHE E 334 -4.95 3.05 -0.34
N LEU E 335 -5.48 3.35 0.84
CA LEU E 335 -6.85 3.82 0.96
C LEU E 335 -6.84 5.30 1.20
N LYS E 336 -7.84 5.98 0.67
CA LYS E 336 -8.00 7.40 0.91
C LYS E 336 -9.39 7.63 1.45
N ILE E 337 -9.64 8.81 1.99
CA ILE E 337 -10.93 9.18 2.55
C ILE E 337 -11.28 10.57 2.07
N TRP E 338 -12.49 10.73 1.55
CA TRP E 338 -12.89 11.92 0.81
C TRP E 338 -14.09 12.54 1.49
N ASN E 339 -14.24 13.85 1.35
CA ASN E 339 -15.30 14.57 2.05
C ASN E 339 -15.78 15.78 1.28
N GLY F 1 33.35 27.22 -13.51
CA GLY F 1 33.35 26.58 -14.82
C GLY F 1 34.76 26.45 -15.35
N SER F 2 34.91 26.60 -16.67
CA SER F 2 36.25 26.57 -17.25
C SER F 2 36.83 27.98 -17.29
C01 K4Q F 3 43.26 24.80 -12.24
C02 K4Q F 3 42.60 24.92 -10.87
C03 K4Q F 3 41.15 25.36 -11.02
C04 K4Q F 3 41.07 26.88 -11.11
C05 K4Q F 3 39.75 27.36 -10.51
C06 K4Q F 3 39.09 28.37 -11.45
C07 K4Q F 3 39.56 28.10 -12.89
C08 K4Q F 3 38.59 28.56 -13.96
C11 K4Q F 3 39.88 29.04 -15.73
C12 K4Q F 3 38.82 29.31 -16.79
C14 K4Q F 3 39.45 29.97 -18.00
N13 K4Q F 3 38.14 28.07 -17.16
O09 K4Q F 3 37.72 29.50 -13.40
O10 K4Q F 3 39.36 28.30 -14.64
O15 K4Q F 3 40.02 29.28 -18.85
N PHE F 4 39.36 31.30 -18.07
CA PHE F 4 39.89 32.09 -19.17
C PHE F 4 41.00 33.01 -18.69
N LEU F 5 41.92 33.31 -19.59
CA LEU F 5 42.93 34.32 -19.30
C LEU F 5 42.39 35.72 -19.59
N SER F 6 43.14 36.72 -19.17
CA SER F 6 42.73 38.10 -19.36
C SER F 6 42.90 38.52 -20.82
N PRO F 7 42.11 39.50 -21.28
CA PRO F 7 42.38 40.09 -22.60
C PRO F 7 43.73 40.78 -22.71
N GLU F 8 44.21 41.36 -21.62
CA GLU F 8 45.50 42.02 -21.58
C GLU F 8 46.55 41.18 -20.88
N HIS F 9 46.56 39.87 -21.14
CA HIS F 9 47.32 38.92 -20.32
C HIS F 9 48.83 39.05 -20.49
N GLN F 10 49.32 38.92 -21.72
CA GLN F 10 50.76 38.71 -21.90
C GLN F 10 51.56 39.99 -21.69
N ARG F 11 50.93 41.16 -21.91
CA ARG F 11 51.66 42.41 -21.81
C ARG F 11 51.98 42.76 -20.36
N VAL F 12 51.12 42.37 -19.41
CA VAL F 12 51.42 42.67 -18.01
C VAL F 12 52.40 41.64 -17.45
N GLN F 13 52.47 40.44 -18.06
CA GLN F 13 53.41 39.43 -17.57
C GLN F 13 54.85 39.81 -17.91
N GLN F 14 55.04 40.53 -19.01
CA GLN F 14 56.38 41.03 -19.34
C GLN F 14 56.74 42.24 -18.47
N ARG F 15 55.77 42.80 -17.76
CA ARG F 15 55.98 43.96 -16.92
C ARG F 15 56.28 43.61 -15.46
N LYS F 16 55.77 42.46 -15.00
CA LYS F 16 55.62 42.08 -13.59
C LYS F 16 56.80 42.34 -12.66
C1 CLR G . 29.38 2.87 -4.39
C2 CLR G . 28.16 2.21 -5.00
C3 CLR G . 26.90 2.62 -4.25
C4 CLR G . 26.74 4.13 -4.39
C5 CLR G . 27.99 4.78 -3.88
C6 CLR G . 27.89 5.71 -2.91
C7 CLR G . 29.10 6.28 -2.23
C8 CLR G . 30.22 6.39 -3.24
C9 CLR G . 30.51 5.01 -3.82
C10 CLR G . 29.31 4.38 -4.50
C11 CLR G . 31.71 5.04 -4.77
C12 CLR G . 32.96 5.70 -4.17
C13 CLR G . 32.58 7.06 -3.60
C14 CLR G . 31.49 6.89 -2.58
C15 CLR G . 31.44 8.22 -1.86
C16 CLR G . 32.89 8.70 -1.87
C17 CLR G . 33.66 7.77 -2.80
C18 CLR G . 32.06 7.96 -4.71
C19 CLR G . 29.28 4.81 -5.95
C20 CLR G . 34.69 8.51 -3.65
C21 CLR G . 35.91 7.63 -3.91
C22 CLR G . 35.09 9.84 -3.03
C23 CLR G . 35.56 9.66 -1.58
C24 CLR G . 37.07 9.45 -1.52
C25 CLR G . 37.80 10.52 -2.31
C26 CLR G . 38.52 11.49 -1.37
C27 CLR G . 38.78 9.90 -3.29
O1 CLR G . 25.76 1.95 -4.82
C1 CLR H . 18.01 12.35 -0.80
C2 CLR H . 17.18 11.07 -0.75
C3 CLR H . 15.73 11.40 -0.42
C4 CLR H . 15.16 12.20 -1.57
C5 CLR H . 15.99 13.45 -1.72
C6 CLR H . 15.39 14.64 -1.76
C7 CLR H . 15.98 15.81 -2.52
C8 CLR H . 17.51 15.81 -2.44
C9 CLR H . 18.04 14.74 -1.49
C10 CLR H . 17.49 13.37 -1.81
C11 CLR H . 19.57 14.75 -1.46
C12 CLR H . 20.12 16.12 -1.06
C13 CLR H . 19.53 17.17 -1.98
C14 CLR H . 18.02 17.13 -1.91
C15 CLR H . 17.57 18.41 -2.60
C16 CLR H . 18.70 19.40 -2.32
C17 CLR H . 19.82 18.61 -1.63
C18 CLR H . 19.98 16.90 -3.42
C19 CLR H . 17.86 12.95 -3.23
C20 CLR H . 21.20 19.08 -2.03
C21 CLR H . 22.19 18.86 -0.89
C22 CLR H . 21.19 20.54 -2.45
C23 CLR H . 22.40 21.28 -1.91
C24 CLR H . 22.97 22.19 -2.98
C25 CLR H . 22.91 23.65 -2.55
C26 CLR H . 23.13 23.79 -1.05
C27 CLR H . 23.92 24.48 -3.34
O1 CLR H . 14.98 10.20 -0.24
#